data_6BM7
#
_entry.id   6BM7
#
_cell.length_a   81.090
_cell.length_b   96.250
_cell.length_c   98.840
_cell.angle_alpha   90.000
_cell.angle_beta   102.426
_cell.angle_gamma   90.000
#
_symmetry.space_group_name_H-M   'P 1 21 1'
#
loop_
_entity.id
_entity.type
_entity.pdbx_description
1 polymer 'S-adenosylmethionine decarboxylase beta chain'
2 polymer 'S-adenosylmethionine decarboxylase alpha chain'
3 polymer 'Inactive S-adenosylmethionine decarboxylase prozyme'
4 non-polymer 2-[3-(2-HYDROXY-1,1-DIHYDROXYMETHYL-ETHYLAMINO)-PROPYLAMINO]-2-HYDROXYMETHYL-PROPANE-1,3-DIOL
5 non-polymer 2-amino-4-[(3,5-dibromophenyl)amino]-6-methylpyrimidin-1-ium
6 non-polymer 1,4-DIAMINOBUTANE
7 non-polymer 'TRIETHYLENE GLYCOL'
8 non-polymer 'TETRAETHYLENE GLYCOL'
9 water water
#
loop_
_entity_poly.entity_id
_entity_poly.type
_entity_poly.pdbx_seq_one_letter_code
_entity_poly.pdbx_strand_id
1 'polypeptide(L)'
;MSSCKDSLSLMAMWGSIARFDPKHERSFEGPEKRLEVIMRVVDGTHVSGLLAHDDDVWQKVIDAICAHIVSREFNEYIRS
YVLSE
;
A,C
2 'polypeptide(L)'
;(PYR)SLFVMKDRVILITCGTITLLNCVPLICEAVSTVCGEVEWVSFMHKNYSFPWEQKGPHLSMAEEFKTLRSHFPSGQ
PFIFGPIDSDHYFLYFHSDVVQPSCSDDAQLSMTMYGLDRNQTKHWYSDKMLPTGPETAVIREATGLSEVVDDSWILHDL
QYEPCGYSINAIRGSEYQTIHITPEEHCSFASYETNTCALNYSKCICGVLRVFDPERFSVIVFIDPDSAVGKSYHSGGTI
GVEPEYYPNYEAHHRTVNEYTPGHWVLKVNYVKRAVGTVGTSAASGAKE
;
B,D
3 'polypeptide(L)'
;MSVTRINQQTECPSSVHDLVSCWGGCTQSKTSTDSGLEKRFELNFAQPVDIGTVTVKQLASVMERAGESLRQNSAELGIH
TLKFDRSLLVFTAKQIVVRSSVSVMLHEAVHPMLELMRSHNIIVDWASFMRVNYGSPWDMTSETSDIMAHEYAELKSAFP
TGHPYLAGPVDRDHCFYFVYDGIDRDPSSCRRENDVQINVYMYNVQADDEYDLDGNTKEQQLLVSHCAGEYETLRVSTYG
STHPFASFETNAVSAASDITKIVNGLLKKFYPERVLLVLLQDRDAQGTTACGVMDRLEGFTVVHRGANHFGGGYVFHQAT
YARSA
;
E,F
#
# COMPACT_ATOMS: atom_id res chain seq x y z
N LYS A 5 -6.62 6.75 8.27
CA LYS A 5 -5.75 7.06 9.41
C LYS A 5 -6.14 8.40 10.04
N ASP A 6 -5.58 8.68 11.22
CA ASP A 6 -5.90 9.88 11.95
C ASP A 6 -5.13 11.08 11.40
N SER A 7 -5.63 12.28 11.70
CA SER A 7 -5.09 13.48 11.09
C SER A 7 -3.69 13.81 11.58
N LEU A 8 -3.36 13.45 12.82
CA LEU A 8 -2.01 13.73 13.32
C LEU A 8 -0.98 12.82 12.66
N SER A 9 -1.28 11.53 12.55
CA SER A 9 -0.40 10.65 11.79
C SER A 9 -0.39 11.03 10.32
N LEU A 10 -1.50 11.56 9.82
CA LEU A 10 -1.54 12.03 8.44
C LEU A 10 -0.58 13.18 8.22
N MET A 11 -0.55 14.14 9.14
CA MET A 11 0.41 15.23 9.05
C MET A 11 1.84 14.70 9.15
N ALA A 12 2.08 13.81 10.13
CA ALA A 12 3.41 13.25 10.29
C ALA A 12 3.88 12.55 9.03
N MET A 13 2.95 12.04 8.22
CA MET A 13 3.33 11.37 6.98
C MET A 13 3.72 12.38 5.92
N TRP A 14 2.88 13.40 5.70
CA TRP A 14 3.21 14.41 4.70
C TRP A 14 4.58 15.01 4.92
N GLY A 15 5.02 15.10 6.19
CA GLY A 15 6.35 15.60 6.48
C GLY A 15 7.45 14.60 6.19
N SER A 16 7.11 13.31 6.07
CA SER A 16 8.06 12.30 5.66
C SER A 16 8.06 12.10 4.15
N ILE A 17 6.92 12.36 3.50
CA ILE A 17 6.86 12.28 2.04
C ILE A 17 7.66 13.40 1.42
N ALA A 18 7.55 14.61 1.97
CA ALA A 18 8.31 15.74 1.46
C ALA A 18 9.82 15.56 1.60
N ARG A 19 10.27 14.50 2.28
CA ARG A 19 11.69 14.22 2.44
C ARG A 19 12.02 12.80 2.01
N PHE A 20 11.29 12.26 1.04
CA PHE A 20 11.46 10.87 0.61
C PHE A 20 12.19 10.84 -0.72
N ASP A 21 13.36 10.21 -0.75
CA ASP A 21 14.17 10.08 -1.95
C ASP A 21 14.43 8.60 -2.23
N PRO A 22 13.97 8.04 -3.37
CA PRO A 22 14.31 6.65 -3.72
C PRO A 22 15.79 6.33 -3.55
N SER A 27 15.68 1.63 1.70
CA SER A 27 15.48 2.61 2.75
C SER A 27 15.18 1.91 4.08
N PHE A 28 16.02 2.19 5.08
CA PHE A 28 15.92 1.55 6.39
C PHE A 28 15.50 2.57 7.45
N GLU A 29 14.69 2.12 8.41
CA GLU A 29 14.12 2.99 9.43
C GLU A 29 15.10 3.09 10.59
N GLY A 30 15.75 4.26 10.72
CA GLY A 30 16.72 4.49 11.75
C GLY A 30 16.11 4.88 13.08
N PRO A 31 15.23 5.89 13.08
CA PRO A 31 14.58 6.31 14.33
C PRO A 31 14.01 5.13 15.10
N GLU A 32 14.24 5.14 16.40
CA GLU A 32 14.00 3.96 17.23
C GLU A 32 12.73 4.10 18.05
N LYS A 33 12.34 2.98 18.66
CA LYS A 33 11.27 2.92 19.64
C LYS A 33 11.88 2.62 20.99
N ARG A 34 11.48 3.37 22.02
CA ARG A 34 12.04 3.22 23.35
C ARG A 34 10.93 2.85 24.33
N LEU A 35 11.09 1.71 24.99
CA LEU A 35 10.20 1.25 26.04
C LEU A 35 10.97 1.22 27.35
N GLU A 36 10.39 1.79 28.40
CA GLU A 36 11.03 1.80 29.71
C GLU A 36 10.01 1.47 30.78
N VAL A 37 10.21 0.35 31.48
CA VAL A 37 9.37 -0.07 32.59
C VAL A 37 10.20 -0.05 33.86
N ILE A 38 9.83 0.81 34.81
CA ILE A 38 10.43 0.86 36.13
C ILE A 38 9.44 0.25 37.11
N MET A 39 9.95 -0.60 38.00
CA MET A 39 9.10 -1.33 38.94
C MET A 39 9.32 -0.80 40.36
N ARG A 40 8.25 -0.85 41.15
CA ARG A 40 8.30 -0.52 42.56
C ARG A 40 8.87 -1.69 43.34
N VAL A 41 9.51 -1.39 44.47
CA VAL A 41 10.10 -2.41 45.33
C VAL A 41 9.31 -2.47 46.63
N VAL A 42 8.89 -3.67 46.99
CA VAL A 42 8.18 -3.92 48.24
C VAL A 42 8.96 -4.94 49.05
N ASP A 43 8.62 -5.03 50.33
CA ASP A 43 9.16 -6.12 51.14
C ASP A 43 8.74 -7.45 50.53
N GLY A 44 9.71 -8.35 50.35
CA GLY A 44 9.50 -9.58 49.62
C GLY A 44 9.91 -9.52 48.17
N THR A 45 10.22 -8.33 47.66
CA THR A 45 10.77 -8.22 46.31
C THR A 45 12.21 -8.74 46.31
N HIS A 46 12.54 -9.55 45.31
CA HIS A 46 13.88 -10.09 45.18
C HIS A 46 14.92 -8.98 45.37
N VAL A 47 15.90 -9.24 46.23
CA VAL A 47 16.90 -8.22 46.51
C VAL A 47 17.73 -7.92 45.27
N SER A 48 17.87 -8.90 44.38
CA SER A 48 18.48 -8.70 43.07
C SER A 48 17.55 -8.04 42.06
N GLY A 49 16.29 -7.77 42.44
CA GLY A 49 15.38 -7.12 41.52
C GLY A 49 15.21 -7.91 40.25
N LEU A 50 15.14 -7.20 39.12
CA LEU A 50 15.02 -7.85 37.82
C LEU A 50 16.30 -8.55 37.40
N LEU A 51 17.42 -8.31 38.09
CA LEU A 51 18.65 -9.01 37.81
C LEU A 51 18.63 -10.45 38.32
N ALA A 52 17.63 -10.83 39.12
CA ALA A 52 17.49 -12.21 39.54
C ALA A 52 17.26 -13.14 38.36
N HIS A 53 16.69 -12.63 37.28
CA HIS A 53 16.40 -13.45 36.11
C HIS A 53 17.70 -13.91 35.44
N ASP A 54 17.59 -15.00 34.69
CA ASP A 54 18.67 -15.50 33.86
C ASP A 54 18.47 -15.02 32.42
N ASP A 55 19.52 -15.16 31.61
CA ASP A 55 19.42 -14.79 30.20
C ASP A 55 18.30 -15.53 29.49
N ASP A 56 17.83 -16.65 30.04
CA ASP A 56 16.71 -17.35 29.44
C ASP A 56 15.46 -16.48 29.43
N VAL A 57 15.25 -15.71 30.50
CA VAL A 57 14.04 -14.91 30.63
C VAL A 57 14.01 -13.80 29.57
N TRP A 58 15.14 -13.12 29.38
CA TRP A 58 15.20 -12.02 28.44
C TRP A 58 15.26 -12.49 26.99
N GLN A 59 15.77 -13.70 26.74
CA GLN A 59 15.75 -14.25 25.40
C GLN A 59 14.31 -14.48 24.93
N LYS A 60 13.44 -14.94 25.83
CA LYS A 60 12.04 -15.15 25.47
C LYS A 60 11.32 -13.83 25.24
N VAL A 61 11.71 -12.79 25.97
CA VAL A 61 11.14 -11.45 25.73
C VAL A 61 11.49 -10.99 24.32
N ILE A 62 12.77 -11.07 23.95
CA ILE A 62 13.20 -10.60 22.63
C ILE A 62 12.54 -11.42 21.54
N ASP A 63 12.37 -12.73 21.77
CA ASP A 63 11.65 -13.55 20.80
C ASP A 63 10.25 -13.02 20.56
N ALA A 64 9.62 -12.43 21.58
CA ALA A 64 8.26 -11.92 21.44
C ALA A 64 8.17 -10.84 20.37
N ILE A 65 9.27 -10.16 20.08
CA ILE A 65 9.33 -9.16 19.02
C ILE A 65 10.07 -9.68 17.80
N CYS A 66 10.51 -10.93 17.82
CA CYS A 66 11.17 -11.58 16.69
C CYS A 66 12.52 -10.94 16.43
N ALA A 67 13.37 -10.93 17.45
CA ALA A 67 14.76 -10.53 17.33
C ALA A 67 15.59 -11.54 18.11
N HIS A 68 16.91 -11.38 18.09
CA HIS A 68 17.80 -12.28 18.80
C HIS A 68 18.98 -11.50 19.38
N ILE A 69 19.57 -12.07 20.42
CA ILE A 69 20.73 -11.49 21.08
C ILE A 69 21.99 -12.00 20.38
N VAL A 70 22.94 -11.11 20.16
CA VAL A 70 24.21 -11.47 19.54
C VAL A 70 25.33 -11.56 20.57
N SER A 71 25.40 -10.57 21.46
CA SER A 71 26.45 -10.51 22.48
C SER A 71 25.84 -9.96 23.76
N ARG A 72 26.54 -10.19 24.87
CA ARG A 72 26.04 -9.79 26.17
C ARG A 72 27.22 -9.41 27.06
N GLU A 73 27.12 -8.26 27.70
CA GLU A 73 28.01 -7.90 28.79
C GLU A 73 27.15 -7.50 29.99
N PHE A 74 27.77 -7.46 31.16
CA PHE A 74 27.05 -7.14 32.38
C PHE A 74 28.06 -6.63 33.41
N ASN A 75 27.53 -6.22 34.56
CA ASN A 75 28.34 -5.89 35.72
C ASN A 75 27.43 -5.95 36.95
N GLU A 76 27.87 -5.36 38.05
CA GLU A 76 27.12 -5.45 39.29
C GLU A 76 25.87 -4.59 39.31
N TYR A 77 25.57 -3.86 38.24
CA TYR A 77 24.51 -2.86 38.27
C TYR A 77 23.53 -2.98 37.11
N ILE A 78 23.97 -3.52 35.97
CA ILE A 78 23.16 -3.49 34.76
C ILE A 78 23.56 -4.62 33.84
N ARG A 79 22.58 -5.18 33.13
CA ARG A 79 22.80 -6.16 32.08
C ARG A 79 22.54 -5.52 30.72
N SER A 80 23.43 -5.77 29.77
CA SER A 80 23.35 -5.16 28.44
C SER A 80 23.29 -6.24 27.37
N TYR A 81 22.48 -6.00 26.34
CA TYR A 81 22.32 -6.94 25.23
C TYR A 81 22.25 -6.16 23.93
N VAL A 82 23.13 -6.49 22.98
CA VAL A 82 22.97 -6.00 21.60
C VAL A 82 22.01 -6.92 20.87
N LEU A 83 21.02 -6.33 20.22
CA LEU A 83 19.99 -7.09 19.53
C LEU A 83 20.16 -6.91 18.02
N SER A 84 19.63 -7.87 17.28
CA SER A 84 19.69 -7.86 15.83
C SER A 84 18.33 -8.21 15.26
N GLU A 85 18.05 -7.66 14.08
CA GLU A 85 16.77 -7.87 13.41
C GLU A 85 16.68 -9.28 12.87
N SER B 2 18.67 -2.42 21.40
CA SER B 2 19.39 -2.54 22.67
C SER B 2 18.44 -2.85 23.81
N LEU B 3 18.89 -3.72 24.71
CA LEU B 3 18.16 -4.05 25.93
C LEU B 3 19.06 -3.72 27.12
N PHE B 4 18.52 -2.98 28.08
CA PHE B 4 19.24 -2.65 29.31
C PHE B 4 18.37 -3.04 30.49
N VAL B 5 18.74 -4.15 31.14
CA VAL B 5 18.07 -4.62 32.34
C VAL B 5 18.87 -4.15 33.54
N MET B 6 18.19 -3.51 34.48
CA MET B 6 18.80 -3.04 35.70
C MET B 6 18.07 -3.62 36.90
N LYS B 7 18.61 -3.34 38.10
CA LYS B 7 17.99 -3.82 39.32
C LYS B 7 16.52 -3.47 39.40
N ASP B 8 16.11 -2.35 38.79
CA ASP B 8 14.79 -1.78 39.06
C ASP B 8 14.01 -1.38 37.80
N ARG B 9 14.49 -1.71 36.60
CA ARG B 9 13.77 -1.26 35.41
C ARG B 9 14.25 -2.02 34.19
N VAL B 10 13.64 -1.69 33.06
CA VAL B 10 13.99 -2.25 31.76
C VAL B 10 13.96 -1.11 30.76
N ILE B 11 14.93 -1.09 29.85
CA ILE B 11 15.00 -0.10 28.79
C ILE B 11 15.25 -0.86 27.50
N LEU B 12 14.24 -0.93 26.64
CA LEU B 12 14.31 -1.69 25.40
C LEU B 12 14.25 -0.71 24.23
N ILE B 13 15.30 -0.69 23.42
CA ILE B 13 15.42 0.24 22.29
C ILE B 13 15.47 -0.59 21.02
N THR B 14 14.71 -0.19 20.00
CA THR B 14 14.63 -0.93 18.77
C THR B 14 14.46 0.04 17.60
N CYS B 15 14.87 -0.42 16.43
CA CYS B 15 14.70 0.34 15.19
C CYS B 15 14.08 -0.56 14.14
N GLY B 16 13.83 0.01 12.96
CA GLY B 16 13.25 -0.74 11.87
C GLY B 16 11.74 -0.88 12.00
N THR B 17 11.24 -2.08 11.73
CA THR B 17 9.81 -2.38 11.83
C THR B 17 9.49 -3.28 13.01
N ILE B 18 10.45 -3.55 13.89
CA ILE B 18 10.20 -4.44 15.02
C ILE B 18 9.06 -3.90 15.86
N THR B 19 8.08 -4.77 16.15
CA THR B 19 6.92 -4.39 16.95
C THR B 19 7.30 -4.46 18.41
N LEU B 20 7.78 -3.34 18.94
CA LEU B 20 8.36 -3.33 20.28
C LEU B 20 7.32 -3.63 21.36
N LEU B 21 6.05 -3.31 21.13
CA LEU B 21 5.07 -3.38 22.21
C LEU B 21 4.60 -4.81 22.51
N ASN B 22 4.84 -5.76 21.61
CA ASN B 22 4.37 -7.13 21.85
C ASN B 22 4.97 -7.75 23.10
N CYS B 23 6.09 -7.23 23.58
CA CYS B 23 6.77 -7.80 24.74
C CYS B 23 6.28 -7.22 26.05
N VAL B 24 5.31 -6.31 26.03
CA VAL B 24 4.82 -5.73 27.28
C VAL B 24 4.21 -6.79 28.19
N PRO B 25 3.29 -7.64 27.73
CA PRO B 25 2.77 -8.69 28.63
C PRO B 25 3.86 -9.52 29.26
N LEU B 26 4.97 -9.76 28.56
CA LEU B 26 6.07 -10.52 29.12
C LEU B 26 6.86 -9.71 30.14
N ILE B 27 7.05 -8.41 29.88
CA ILE B 27 7.75 -7.56 30.84
C ILE B 27 6.97 -7.48 32.14
N CYS B 28 5.63 -7.44 32.05
CA CYS B 28 4.82 -7.44 33.27
C CYS B 28 5.01 -8.72 34.05
N GLU B 29 5.07 -9.86 33.34
CA GLU B 29 5.35 -11.13 34.01
C GLU B 29 6.74 -11.11 34.64
N ALA B 30 7.72 -10.52 33.95
CA ALA B 30 9.07 -10.45 34.48
C ALA B 30 9.12 -9.63 35.77
N VAL B 31 8.28 -8.60 35.87
CA VAL B 31 8.25 -7.80 37.10
C VAL B 31 7.53 -8.56 38.21
N SER B 32 6.55 -9.39 37.87
CA SER B 32 5.76 -10.08 38.88
C SER B 32 6.54 -11.23 39.52
N THR B 33 7.34 -11.96 38.73
CA THR B 33 8.09 -13.08 39.28
C THR B 33 8.97 -12.63 40.44
N VAL B 34 9.70 -11.53 40.27
CA VAL B 34 10.59 -11.03 41.30
C VAL B 34 9.79 -10.39 42.43
N CYS B 35 8.47 -10.34 42.28
CA CYS B 35 7.58 -9.76 43.29
C CYS B 35 7.73 -8.25 43.37
N GLY B 36 7.96 -7.62 42.21
CA GLY B 36 7.87 -6.18 42.08
C GLY B 36 6.52 -5.74 41.55
N GLU B 37 6.39 -4.43 41.37
CA GLU B 37 5.14 -3.84 40.89
C GLU B 37 5.47 -2.70 39.94
N VAL B 38 4.82 -2.70 38.77
CA VAL B 38 5.04 -1.66 37.78
C VAL B 38 4.52 -0.33 38.31
N GLU B 39 5.39 0.69 38.33
CA GLU B 39 5.01 2.02 38.77
C GLU B 39 5.29 3.11 37.74
N TRP B 40 5.93 2.79 36.61
CA TRP B 40 6.29 3.80 35.63
C TRP B 40 6.54 3.11 34.30
N VAL B 41 5.83 3.55 33.26
CA VAL B 41 5.98 3.00 31.92
C VAL B 41 5.98 4.17 30.94
N SER B 42 7.01 4.25 30.11
CA SER B 42 7.14 5.30 29.10
C SER B 42 7.46 4.66 27.76
N PHE B 43 6.66 5.00 26.75
CA PHE B 43 6.93 4.59 25.37
C PHE B 43 7.14 5.83 24.53
N MET B 44 8.23 5.85 23.77
CA MET B 44 8.63 7.04 23.06
C MET B 44 9.34 6.65 21.78
N HIS B 45 9.14 7.44 20.73
CA HIS B 45 9.80 7.21 19.46
C HIS B 45 9.86 8.51 18.68
N LYS B 46 11.04 8.82 18.14
CA LYS B 46 11.15 9.92 17.20
C LYS B 46 10.26 9.65 15.98
N ASN B 47 9.73 10.72 15.40
CA ASN B 47 8.83 10.57 14.27
C ASN B 47 9.47 9.72 13.18
N TYR B 48 8.69 8.79 12.64
CA TYR B 48 9.24 7.83 11.69
C TYR B 48 9.56 8.49 10.36
N SER B 49 10.65 8.03 9.74
CA SER B 49 11.00 8.50 8.41
C SER B 49 10.11 7.87 7.35
N PHE B 50 9.63 6.65 7.59
CA PHE B 50 8.81 5.90 6.64
C PHE B 50 7.64 5.29 7.39
N PRO B 51 6.70 6.13 7.85
CA PRO B 51 5.60 5.61 8.68
C PRO B 51 4.70 4.61 7.98
N TRP B 52 4.69 4.60 6.64
CA TRP B 52 3.81 3.69 5.89
C TRP B 52 4.30 2.24 5.95
N GLU B 53 5.54 2.00 6.37
CA GLU B 53 6.10 0.66 6.44
C GLU B 53 6.05 0.07 7.84
N GLN B 54 5.61 0.82 8.84
CA GLN B 54 5.54 0.31 10.20
C GLN B 54 4.36 -0.65 10.33
N LYS B 55 4.58 -1.74 11.06
CA LYS B 55 3.63 -2.83 11.14
C LYS B 55 2.93 -2.83 12.50
N GLY B 56 1.93 -3.72 12.60
CA GLY B 56 1.25 -3.96 13.86
C GLY B 56 0.64 -2.69 14.43
N PRO B 57 0.72 -2.51 15.74
CA PRO B 57 0.16 -1.33 16.38
C PRO B 57 0.92 -0.03 16.13
N HIS B 58 1.94 -0.03 15.26
CA HIS B 58 2.80 1.11 15.05
C HIS B 58 2.54 1.85 13.73
N LEU B 59 1.56 1.42 12.94
CA LEU B 59 1.35 2.08 11.66
C LEU B 59 0.89 3.51 11.84
N SER B 60 0.26 3.83 12.97
CA SER B 60 -0.18 5.19 13.25
C SER B 60 -0.10 5.42 14.75
N MET B 61 0.07 6.70 15.12
CA MET B 61 0.15 7.04 16.55
C MET B 61 -1.16 6.81 17.26
N ALA B 62 -2.28 6.73 16.53
CA ALA B 62 -3.54 6.33 17.15
C ALA B 62 -3.54 4.85 17.50
N GLU B 63 -2.83 4.03 16.71
CA GLU B 63 -2.71 2.61 17.03
C GLU B 63 -1.80 2.42 18.24
N GLU B 64 -0.64 3.07 18.26
CA GLU B 64 0.24 2.99 19.41
C GLU B 64 -0.48 3.44 20.68
N PHE B 65 -1.31 4.47 20.58
CA PHE B 65 -2.04 4.97 21.73
C PHE B 65 -3.12 3.98 22.16
N LYS B 66 -3.90 3.47 21.20
CA LYS B 66 -4.92 2.47 21.53
C LYS B 66 -4.29 1.25 22.19
N THR B 67 -3.22 0.73 21.60
CA THR B 67 -2.53 -0.43 22.17
C THR B 67 -2.09 -0.15 23.61
N LEU B 68 -1.28 0.90 23.78
CA LEU B 68 -0.77 1.21 25.12
C LEU B 68 -1.90 1.49 26.09
N ARG B 69 -3.03 2.00 25.61
CA ARG B 69 -4.18 2.23 26.48
C ARG B 69 -4.82 0.93 26.92
N SER B 70 -4.83 -0.10 26.07
CA SER B 70 -5.42 -1.37 26.44
C SER B 70 -4.74 -1.95 27.67
N HIS B 71 -3.44 -1.69 27.84
CA HIS B 71 -2.68 -2.23 28.96
C HIS B 71 -2.56 -1.25 30.11
N PHE B 72 -2.30 0.03 29.83
CA PHE B 72 -2.12 1.06 30.84
C PHE B 72 -3.17 2.15 30.60
N PRO B 73 -4.37 2.00 31.15
CA PRO B 73 -5.44 2.94 30.80
C PRO B 73 -5.21 4.36 31.29
N SER B 74 -4.49 4.55 32.39
CA SER B 74 -4.31 5.89 32.93
C SER B 74 -3.36 6.74 32.09
N GLY B 75 -2.52 6.11 31.28
CA GLY B 75 -1.47 6.83 30.60
C GLY B 75 -1.98 7.99 29.76
N GLN B 76 -1.03 8.84 29.36
CA GLN B 76 -1.32 10.03 28.57
C GLN B 76 -0.37 10.12 27.39
N PRO B 77 -0.86 10.51 26.21
CA PRO B 77 0.05 10.73 25.08
C PRO B 77 0.38 12.20 24.85
N PHE B 78 1.55 12.46 24.29
CA PHE B 78 2.00 13.81 23.98
C PHE B 78 2.69 13.79 22.62
N ILE B 79 2.79 14.98 22.01
CA ILE B 79 3.57 15.15 20.79
C ILE B 79 4.34 16.46 20.91
N PHE B 80 5.65 16.38 21.07
CA PHE B 80 6.52 17.54 21.21
C PHE B 80 7.10 17.91 19.85
N GLY B 81 6.95 19.18 19.46
CA GLY B 81 7.55 19.67 18.25
C GLY B 81 6.60 19.64 17.06
N PRO B 82 7.09 20.08 15.91
CA PRO B 82 6.23 20.15 14.71
C PRO B 82 5.79 18.76 14.28
N ILE B 83 4.50 18.63 13.98
CA ILE B 83 3.95 17.32 13.65
C ILE B 83 4.28 16.92 12.22
N ASP B 84 4.53 17.86 11.32
CA ASP B 84 4.96 17.55 9.96
C ASP B 84 6.46 17.81 9.77
N SER B 85 7.21 17.91 10.86
CA SER B 85 8.66 17.95 10.81
C SER B 85 9.16 17.14 12.00
N ASP B 86 10.40 17.38 12.41
CA ASP B 86 10.98 16.60 13.50
C ASP B 86 10.14 16.75 14.78
N HIS B 87 9.78 15.61 15.37
CA HIS B 87 9.03 15.63 16.62
C HIS B 87 9.16 14.27 17.30
N TYR B 88 8.74 14.23 18.57
CA TYR B 88 8.73 13.01 19.37
C TYR B 88 7.30 12.70 19.80
N PHE B 89 7.01 11.41 19.92
CA PHE B 89 5.74 10.92 20.45
C PHE B 89 6.00 10.22 21.77
N LEU B 90 5.25 10.59 22.80
CA LEU B 90 5.42 10.04 24.13
C LEU B 90 4.09 9.52 24.64
N TYR B 91 4.12 8.32 25.24
CA TYR B 91 3.03 7.80 26.04
C TYR B 91 3.57 7.48 27.42
N PHE B 92 2.98 8.09 28.45
CA PHE B 92 3.53 8.04 29.79
C PHE B 92 2.46 7.60 30.78
N HIS B 93 2.75 6.54 31.53
CA HIS B 93 1.85 6.02 32.56
C HIS B 93 2.61 5.92 33.87
N SER B 94 1.99 6.37 34.96
CA SER B 94 2.63 6.33 36.28
C SER B 94 1.61 5.95 37.34
N ASP B 95 1.99 4.99 38.19
CA ASP B 95 1.20 4.61 39.35
C ASP B 95 2.04 4.73 40.61
N VAL B 96 2.55 5.93 40.87
CA VAL B 96 3.41 6.18 42.03
C VAL B 96 2.50 6.36 43.23
N VAL B 97 2.37 5.32 44.06
CA VAL B 97 1.60 5.44 45.29
C VAL B 97 2.46 6.06 46.39
N GLN B 98 3.73 5.67 46.46
CA GLN B 98 4.63 6.12 47.51
C GLN B 98 5.56 7.18 46.94
N PRO B 99 5.37 8.47 47.25
CA PRO B 99 6.36 9.48 46.84
C PRO B 99 7.79 9.03 47.07
N SER B 100 8.64 9.24 46.07
CA SER B 100 10.02 8.81 46.13
C SER B 100 10.94 9.93 45.68
N CYS B 101 12.22 9.62 45.52
CA CYS B 101 13.21 10.59 45.07
C CYS B 101 13.63 10.22 43.65
N SER B 102 13.51 11.16 42.72
CA SER B 102 13.85 10.95 41.32
C SER B 102 15.14 11.70 41.01
N ASP B 103 16.23 10.94 40.83
CA ASP B 103 17.53 11.51 40.50
C ASP B 103 18.06 10.97 39.18
N ASP B 104 17.21 10.36 38.37
CA ASP B 104 17.65 9.77 37.11
C ASP B 104 17.90 10.85 36.07
N ALA B 105 18.52 10.43 34.97
CA ALA B 105 18.78 11.31 33.84
C ALA B 105 18.59 10.52 32.56
N GLN B 106 18.20 11.22 31.50
CA GLN B 106 18.03 10.60 30.20
C GLN B 106 18.36 11.63 29.13
N LEU B 107 19.38 11.35 28.33
CA LEU B 107 19.79 12.22 27.23
C LEU B 107 19.71 11.41 25.95
N SER B 108 19.01 11.94 24.96
CA SER B 108 18.82 11.26 23.69
C SER B 108 19.12 12.21 22.54
N MET B 109 19.75 11.69 21.50
CA MET B 109 20.03 12.45 20.28
C MET B 109 19.57 11.64 19.08
N THR B 110 19.12 12.36 18.05
CA THR B 110 18.79 11.79 16.77
C THR B 110 19.40 12.69 15.70
N MET B 111 20.20 12.09 14.81
CA MET B 111 20.98 12.85 13.85
C MET B 111 20.71 12.34 12.44
N TYR B 112 20.79 13.25 11.47
CA TYR B 112 20.52 12.93 10.07
C TYR B 112 21.55 13.61 9.18
N GLY B 113 21.77 13.03 8.01
CA GLY B 113 22.74 13.57 7.07
C GLY B 113 24.16 13.45 7.59
N LEU B 114 24.58 12.22 7.87
CA LEU B 114 25.87 11.99 8.51
C LEU B 114 27.02 12.32 7.55
N ASP B 115 28.16 12.69 8.15
CA ASP B 115 29.36 13.00 7.39
C ASP B 115 29.68 11.87 6.43
N ARG B 116 29.80 12.20 5.14
CA ARG B 116 30.02 11.18 4.13
C ARG B 116 31.38 10.52 4.28
N ASN B 117 32.40 11.26 4.72
CA ASN B 117 33.69 10.65 5.01
C ASN B 117 33.60 9.65 6.15
N GLN B 118 32.53 9.70 6.95
CA GLN B 118 32.37 8.77 8.06
C GLN B 118 31.53 7.56 7.67
N THR B 119 30.48 7.75 6.88
CA THR B 119 29.66 6.63 6.44
C THR B 119 30.49 5.54 5.77
N LYS B 120 31.65 5.90 5.22
CA LYS B 120 32.53 4.91 4.58
C LYS B 120 32.90 3.79 5.55
N HIS B 121 33.17 4.14 6.81
CA HIS B 121 33.70 3.16 7.76
C HIS B 121 32.62 2.25 8.36
N TRP B 122 31.35 2.63 8.29
CA TRP B 122 30.27 1.80 8.82
C TRP B 122 29.80 0.75 7.82
N TYR B 123 30.56 0.52 6.74
CA TYR B 123 30.24 -0.50 5.76
C TYR B 123 31.15 -1.70 5.94
N SER B 124 30.61 -2.88 5.62
CA SER B 124 31.38 -4.12 5.72
C SER B 124 30.60 -5.22 5.02
N ASP B 125 31.33 -6.14 4.39
CA ASP B 125 30.72 -7.25 3.68
C ASP B 125 30.55 -8.48 4.56
N LYS B 126 30.84 -8.39 5.84
CA LYS B 126 30.70 -9.51 6.75
C LYS B 126 30.26 -9.02 8.13
N MET B 127 29.48 -9.86 8.81
CA MET B 127 29.06 -9.56 10.16
C MET B 127 30.23 -9.68 11.12
N LEU B 128 30.49 -8.63 11.88
CA LEU B 128 31.63 -8.61 12.80
C LEU B 128 31.21 -8.24 14.21
N PRO B 129 31.18 -9.20 15.14
CA PRO B 129 31.06 -8.88 16.56
C PRO B 129 32.18 -7.99 17.07
N THR B 130 32.16 -7.68 18.37
CA THR B 130 33.28 -6.96 18.98
C THR B 130 34.58 -7.71 18.73
N GLY B 131 35.49 -7.05 18.04
CA GLY B 131 36.73 -7.64 17.64
C GLY B 131 37.70 -6.56 17.22
N PRO B 132 38.93 -6.95 16.90
CA PRO B 132 39.90 -5.93 16.47
C PRO B 132 39.44 -5.14 15.26
N GLU B 133 38.69 -5.76 14.35
CA GLU B 133 38.20 -5.04 13.18
C GLU B 133 37.30 -3.88 13.59
N THR B 134 36.45 -4.08 14.60
CA THR B 134 35.62 -2.97 15.08
C THR B 134 36.46 -1.91 15.76
N ALA B 135 37.47 -2.33 16.53
CA ALA B 135 38.39 -1.36 17.13
C ALA B 135 39.01 -0.47 16.07
N VAL B 136 39.26 -1.01 14.87
CA VAL B 136 39.73 -0.18 13.76
C VAL B 136 38.67 0.85 13.40
N ILE B 137 37.40 0.49 13.55
CA ILE B 137 36.31 1.40 13.18
C ILE B 137 36.09 2.45 14.25
N ARG B 138 36.30 2.10 15.52
CA ARG B 138 36.09 3.07 16.59
C ARG B 138 37.18 4.14 16.59
N GLU B 139 38.43 3.75 16.32
CA GLU B 139 39.50 4.73 16.20
C GLU B 139 39.33 5.56 14.93
N ALA B 140 39.02 4.90 13.80
CA ALA B 140 38.99 5.58 12.51
C ALA B 140 37.93 6.66 12.45
N THR B 141 36.87 6.53 13.25
CA THR B 141 35.71 7.41 13.15
C THR B 141 35.58 8.41 14.28
N GLY B 142 36.21 8.16 15.43
CA GLY B 142 36.08 9.03 16.58
C GLY B 142 35.20 8.46 17.68
N LEU B 143 34.67 7.25 17.51
CA LEU B 143 33.88 6.64 18.57
C LEU B 143 34.74 6.33 19.80
N SER B 144 36.01 6.01 19.58
CA SER B 144 36.91 5.78 20.71
C SER B 144 36.94 6.95 21.66
N GLU B 145 36.70 8.16 21.15
CA GLU B 145 36.66 9.35 22.00
C GLU B 145 35.37 9.43 22.80
N VAL B 146 34.25 9.02 22.22
CA VAL B 146 33.00 8.99 22.97
C VAL B 146 33.02 7.86 23.99
N VAL B 147 33.42 6.66 23.55
CA VAL B 147 33.49 5.50 24.42
C VAL B 147 34.94 5.20 24.77
N ASP B 148 35.45 5.79 25.85
CA ASP B 148 36.84 5.63 26.21
C ASP B 148 37.04 4.29 26.93
N ASP B 149 38.31 3.98 27.24
CA ASP B 149 38.66 2.67 27.79
C ASP B 149 37.95 2.38 29.10
N SER B 150 37.50 3.40 29.82
CA SER B 150 36.83 3.17 31.11
C SER B 150 35.43 2.59 30.96
N TRP B 151 35.00 2.17 29.77
CA TRP B 151 33.68 1.60 29.55
C TRP B 151 33.80 0.17 29.06
N ILE B 152 32.96 -0.71 29.59
CA ILE B 152 32.75 -2.02 29.00
C ILE B 152 31.80 -1.86 27.84
N LEU B 153 32.18 -2.35 26.67
CA LEU B 153 31.36 -2.16 25.48
C LEU B 153 31.40 -3.40 24.60
N HIS B 154 30.30 -3.61 23.89
CA HIS B 154 30.22 -4.60 22.84
C HIS B 154 29.53 -3.98 21.63
N ASP B 155 30.14 -4.15 20.46
CA ASP B 155 29.66 -3.50 19.25
C ASP B 155 29.48 -4.54 18.16
N LEU B 156 28.70 -4.18 17.13
CA LEU B 156 28.38 -5.07 16.03
C LEU B 156 28.35 -4.27 14.74
N GLN B 157 29.21 -4.63 13.80
CA GLN B 157 29.15 -4.10 12.44
C GLN B 157 28.33 -5.03 11.58
N TYR B 158 27.32 -4.49 10.93
CA TYR B 158 26.38 -5.30 10.15
C TYR B 158 26.85 -5.45 8.71
N GLU B 159 26.15 -6.31 7.98
CA GLU B 159 26.41 -6.52 6.57
C GLU B 159 25.11 -6.26 5.80
N PRO B 160 25.15 -5.42 4.75
CA PRO B 160 26.31 -4.71 4.18
C PRO B 160 26.70 -3.43 4.93
N CYS B 161 25.77 -2.87 5.72
CA CYS B 161 26.07 -1.66 6.46
C CYS B 161 25.22 -1.62 7.74
N GLY B 162 25.62 -0.74 8.66
CA GLY B 162 24.97 -0.59 9.93
C GLY B 162 25.91 -0.84 11.09
N TYR B 163 25.83 -0.01 12.14
CA TYR B 163 26.70 -0.16 13.30
C TYR B 163 25.94 0.12 14.58
N SER B 164 26.01 -0.82 15.52
CA SER B 164 25.43 -0.69 16.85
C SER B 164 26.51 -0.92 17.89
N ILE B 165 26.43 -0.20 19.00
CA ILE B 165 27.36 -0.38 20.11
C ILE B 165 26.64 -0.07 21.41
N ASN B 166 26.94 -0.86 22.44
CA ASN B 166 26.45 -0.64 23.79
C ASN B 166 27.64 -0.48 24.72
N ALA B 167 27.47 0.34 25.76
CA ALA B 167 28.53 0.55 26.74
C ALA B 167 27.92 0.72 28.12
N ILE B 168 28.59 0.18 29.13
CA ILE B 168 28.16 0.28 30.52
C ILE B 168 29.37 0.57 31.39
N ARG B 169 29.17 1.42 32.41
CA ARG B 169 30.24 1.79 33.33
C ARG B 169 29.57 2.05 34.68
N GLY B 170 29.69 1.10 35.60
CA GLY B 170 28.95 1.17 36.83
C GLY B 170 27.47 0.99 36.57
N SER B 171 26.67 2.00 36.88
CA SER B 171 25.23 1.97 36.63
C SER B 171 24.82 2.88 35.48
N GLU B 172 25.77 3.45 34.75
CA GLU B 172 25.48 4.28 33.59
C GLU B 172 25.58 3.46 32.32
N TYR B 173 24.81 3.84 31.31
CA TYR B 173 24.83 3.18 30.02
C TYR B 173 24.97 4.23 28.92
N GLN B 174 25.30 3.73 27.72
CA GLN B 174 25.55 4.57 26.56
C GLN B 174 25.28 3.73 25.32
N THR B 175 24.47 4.23 24.39
CA THR B 175 24.14 3.45 23.22
C THR B 175 24.20 4.31 21.97
N ILE B 176 24.83 3.78 20.93
CA ILE B 176 24.92 4.41 19.62
C ILE B 176 24.36 3.44 18.60
N HIS B 177 23.58 3.96 17.66
CA HIS B 177 23.07 3.17 16.55
C HIS B 177 23.20 3.99 15.29
N ILE B 178 23.67 3.36 14.22
CA ILE B 178 24.01 4.08 13.00
C ILE B 178 23.37 3.41 11.81
N THR B 179 22.67 4.21 11.02
CA THR B 179 22.23 3.86 9.67
C THR B 179 23.03 4.73 8.72
N PRO B 180 23.93 4.19 7.89
CA PRO B 180 24.78 5.06 7.05
C PRO B 180 24.37 5.22 5.59
N GLU B 181 23.27 4.60 5.14
CA GLU B 181 22.82 4.82 3.77
C GLU B 181 22.76 6.31 3.47
N GLU B 182 23.38 6.70 2.36
CA GLU B 182 23.52 8.13 2.05
C GLU B 182 22.16 8.80 1.90
N HIS B 183 21.21 8.16 1.24
CA HIS B 183 19.93 8.81 0.98
C HIS B 183 19.10 8.97 2.24
N CYS B 184 19.25 8.07 3.22
CA CYS B 184 18.50 8.16 4.48
C CYS B 184 19.47 8.01 5.66
N SER B 185 20.44 8.93 5.73
CA SER B 185 21.42 8.88 6.80
C SER B 185 20.75 9.11 8.15
N PHE B 186 21.20 8.38 9.16
CA PHE B 186 20.67 8.54 10.50
C PHE B 186 21.63 7.95 11.52
N ALA B 187 21.69 8.59 12.68
CA ALA B 187 22.47 8.11 13.81
C ALA B 187 21.76 8.52 15.09
N SER B 188 21.87 7.69 16.13
CA SER B 188 21.18 7.92 17.38
C SER B 188 22.14 7.71 18.54
N TYR B 189 21.93 8.48 19.60
CA TYR B 189 22.73 8.38 20.82
C TYR B 189 21.83 8.59 22.03
N GLU B 190 21.97 7.72 23.02
CA GLU B 190 21.23 7.87 24.27
C GLU B 190 22.11 7.46 25.43
N THR B 191 22.11 8.27 26.49
CA THR B 191 22.84 7.95 27.71
C THR B 191 22.01 8.39 28.90
N ASN B 192 22.30 7.79 30.06
CA ASN B 192 21.65 8.14 31.32
C ASN B 192 22.66 8.70 32.32
N THR B 193 23.69 9.38 31.82
CA THR B 193 24.76 9.86 32.67
C THR B 193 24.31 11.09 33.46
N CYS B 194 24.76 11.18 34.70
CA CYS B 194 24.62 12.40 35.49
C CYS B 194 25.63 13.42 35.00
N ALA B 195 25.16 14.59 34.60
CA ALA B 195 26.06 15.66 34.15
C ALA B 195 25.37 16.99 34.38
N LEU B 196 26.06 17.90 35.06
CA LEU B 196 25.54 19.25 35.21
C LEU B 196 25.40 19.96 33.88
N ASN B 197 25.98 19.43 32.81
CA ASN B 197 25.99 20.11 31.52
C ASN B 197 26.37 19.10 30.44
N TYR B 198 25.48 18.89 29.48
CA TYR B 198 25.67 17.87 28.44
C TYR B 198 26.44 18.39 27.23
N SER B 199 26.85 19.66 27.23
CA SER B 199 27.48 20.23 26.04
C SER B 199 28.63 19.37 25.54
N LYS B 200 29.56 19.03 26.44
CA LYS B 200 30.72 18.24 26.03
C LYS B 200 30.30 16.86 25.55
N CYS B 201 29.39 16.22 26.28
CA CYS B 201 28.88 14.93 25.86
C CYS B 201 28.26 15.02 24.46
N ILE B 202 27.46 16.05 24.21
CA ILE B 202 26.76 16.16 22.94
C ILE B 202 27.74 16.49 21.81
N CYS B 203 28.56 17.53 22.00
CA CYS B 203 29.52 17.89 20.96
C CYS B 203 30.44 16.72 20.63
N GLY B 204 30.82 15.94 21.64
CA GLY B 204 31.60 14.74 21.37
C GLY B 204 30.94 13.85 20.33
N VAL B 205 29.62 13.71 20.41
CA VAL B 205 28.89 12.89 19.44
C VAL B 205 28.83 13.61 18.09
N LEU B 206 28.63 14.93 18.12
CA LEU B 206 28.47 15.66 16.86
C LEU B 206 29.74 15.64 16.03
N ARG B 207 30.90 15.73 16.68
CA ARG B 207 32.16 15.63 15.94
C ARG B 207 32.23 14.32 15.16
N VAL B 208 31.76 13.23 15.77
CA VAL B 208 31.76 11.94 15.08
C VAL B 208 30.95 12.04 13.78
N PHE B 209 29.76 12.62 13.86
CA PHE B 209 28.79 12.58 12.77
C PHE B 209 28.67 13.89 12.00
N ASP B 210 28.71 15.02 12.69
CA ASP B 210 28.57 16.33 12.05
C ASP B 210 27.35 16.34 11.13
N PRO B 211 26.16 16.12 11.66
CA PRO B 211 24.97 15.93 10.81
C PRO B 211 24.37 17.25 10.36
N GLU B 212 23.64 17.18 9.24
CA GLU B 212 22.99 18.38 8.72
C GLU B 212 21.96 18.92 9.70
N ARG B 213 21.31 18.03 10.44
CA ARG B 213 20.36 18.43 11.48
C ARG B 213 20.31 17.32 12.52
N PHE B 214 19.90 17.70 13.73
CA PHE B 214 19.79 16.74 14.81
C PHE B 214 18.78 17.26 15.84
N SER B 215 18.17 16.32 16.57
CA SER B 215 17.27 16.66 17.65
C SER B 215 17.81 16.09 18.96
N VAL B 216 17.80 16.90 20.01
CA VAL B 216 18.19 16.49 21.35
C VAL B 216 16.97 16.61 22.24
N ILE B 217 16.74 15.60 23.08
CA ILE B 217 15.66 15.62 24.05
C ILE B 217 16.25 15.24 25.40
N VAL B 218 15.93 16.03 26.43
CA VAL B 218 16.46 15.83 27.77
C VAL B 218 15.28 15.65 28.73
N PHE B 219 15.33 14.61 29.54
CA PHE B 219 14.35 14.38 30.60
C PHE B 219 14.97 14.78 31.93
N ILE B 220 14.38 15.78 32.57
CA ILE B 220 14.92 16.36 33.79
C ILE B 220 14.13 15.83 34.97
N ASP B 221 14.81 15.17 35.91
CA ASP B 221 14.14 14.79 37.13
C ASP B 221 14.37 15.84 38.22
N PRO B 222 13.47 15.93 39.19
CA PRO B 222 13.53 17.06 40.14
C PRO B 222 14.68 16.96 41.13
N ASP B 223 15.15 15.77 41.47
CA ASP B 223 16.18 15.60 42.49
C ASP B 223 17.52 15.15 41.90
N SER B 224 17.73 15.36 40.61
CA SER B 224 18.99 14.98 39.98
C SER B 224 19.94 16.17 39.94
N ALA B 225 21.22 15.89 39.66
CA ALA B 225 22.21 16.95 39.54
C ALA B 225 21.76 18.00 38.55
N VAL B 226 21.54 17.60 37.29
CA VAL B 226 21.08 18.53 36.26
C VAL B 226 19.68 19.04 36.59
N GLY B 227 18.92 18.31 37.40
CA GLY B 227 17.62 18.81 37.85
C GLY B 227 17.75 20.06 38.69
N LYS B 228 18.64 20.02 39.68
CA LYS B 228 18.91 21.23 40.47
C LYS B 228 19.46 22.33 39.59
N SER B 229 20.38 21.99 38.69
CA SER B 229 20.98 22.99 37.81
C SER B 229 19.91 23.68 36.97
N TYR B 230 19.08 22.91 36.28
CA TYR B 230 18.06 23.49 35.40
C TYR B 230 17.11 24.37 36.19
N HIS B 231 16.63 23.88 37.32
CA HIS B 231 15.61 24.60 38.10
C HIS B 231 16.18 25.82 38.83
N SER B 232 17.44 26.19 38.61
CA SER B 232 18.03 27.38 39.22
C SER B 232 18.63 28.31 38.17
N GLY B 233 18.07 28.31 36.96
CA GLY B 233 18.52 29.18 35.90
C GLY B 233 19.84 28.79 35.25
N GLY B 234 20.52 27.77 35.77
CA GLY B 234 21.80 27.40 35.21
C GLY B 234 21.66 26.68 33.88
N THR B 235 22.67 26.84 33.03
CA THR B 235 22.71 26.15 31.76
C THR B 235 22.82 24.65 31.99
N ILE B 236 22.34 23.87 31.01
CA ILE B 236 22.36 22.41 31.08
C ILE B 236 23.03 21.77 29.88
N GLY B 237 23.56 22.54 28.94
CA GLY B 237 24.33 22.00 27.84
C GLY B 237 23.60 21.86 26.53
N VAL B 238 22.35 22.31 26.44
CA VAL B 238 21.58 22.24 25.20
C VAL B 238 21.27 23.62 24.65
N GLU B 239 21.72 24.69 25.31
CA GLU B 239 21.45 26.04 24.86
C GLU B 239 22.13 26.31 23.53
N PRO B 240 21.59 27.21 22.70
CA PRO B 240 22.11 27.36 21.33
C PRO B 240 23.54 27.86 21.28
N GLU B 241 24.02 28.49 22.35
CA GLU B 241 25.38 29.00 22.37
C GLU B 241 26.40 27.90 22.07
N TYR B 242 26.18 26.71 22.63
CA TYR B 242 27.11 25.60 22.47
C TYR B 242 27.14 25.04 21.07
N TYR B 243 26.42 25.62 20.11
CA TYR B 243 26.32 25.09 18.75
C TYR B 243 26.30 26.26 17.77
N PRO B 244 27.44 26.92 17.58
CA PRO B 244 27.45 28.11 16.72
C PRO B 244 27.12 27.81 15.27
N ASN B 245 27.58 26.68 14.75
CA ASN B 245 27.32 26.31 13.38
C ASN B 245 25.90 25.80 13.17
N TYR B 246 25.13 25.64 14.24
CA TYR B 246 23.74 25.19 14.16
C TYR B 246 22.79 26.31 14.57
N GLU B 247 21.65 26.38 13.91
CA GLU B 247 20.59 27.33 14.22
C GLU B 247 19.42 26.56 14.82
N ALA B 248 19.01 26.94 16.03
CA ALA B 248 17.89 26.29 16.69
C ALA B 248 16.59 26.65 15.99
N HIS B 249 15.85 25.63 15.55
CA HIS B 249 14.64 25.84 14.75
C HIS B 249 13.36 25.83 15.58
N HIS B 250 13.21 24.89 16.52
CA HIS B 250 12.05 24.90 17.40
C HIS B 250 12.38 24.15 18.67
N ARG B 251 11.99 24.71 19.81
CA ARG B 251 12.25 24.13 21.11
C ARG B 251 10.96 23.97 21.89
N THR B 252 10.94 22.98 22.79
CA THR B 252 9.74 22.61 23.51
C THR B 252 10.09 22.32 24.96
N VAL B 253 9.25 22.79 25.88
CA VAL B 253 9.42 22.54 27.30
C VAL B 253 8.09 22.09 27.88
N ASN B 254 8.11 21.00 28.64
CA ASN B 254 6.88 20.36 29.11
C ASN B 254 7.09 19.73 30.48
N GLU B 255 6.23 20.09 31.43
CA GLU B 255 6.10 19.33 32.67
C GLU B 255 5.06 18.25 32.44
N TYR B 256 5.51 17.13 31.87
CA TYR B 256 4.58 16.09 31.47
C TYR B 256 3.95 15.38 32.66
N THR B 257 4.53 15.51 33.85
CA THR B 257 3.90 15.05 35.07
C THR B 257 4.42 15.92 36.20
N PRO B 258 3.67 16.07 37.30
CA PRO B 258 4.13 16.94 38.38
C PRO B 258 5.58 16.68 38.77
N GLY B 259 6.40 17.73 38.72
CA GLY B 259 7.78 17.66 39.16
C GLY B 259 8.78 17.25 38.09
N HIS B 260 8.34 16.60 37.02
CA HIS B 260 9.24 16.11 35.99
C HIS B 260 9.05 16.90 34.70
N TRP B 261 10.16 17.19 34.03
CA TRP B 261 10.18 18.03 32.84
C TRP B 261 10.94 17.34 31.72
N VAL B 262 10.63 17.73 30.50
CA VAL B 262 11.35 17.27 29.32
C VAL B 262 11.60 18.47 28.41
N LEU B 263 12.82 18.56 27.89
CA LEU B 263 13.21 19.59 26.94
C LEU B 263 13.58 18.93 25.62
N LYS B 264 12.99 19.43 24.53
CA LYS B 264 13.37 18.98 23.19
C LYS B 264 13.74 20.20 22.36
N VAL B 265 14.81 20.07 21.58
CA VAL B 265 15.26 21.12 20.68
C VAL B 265 15.59 20.50 19.34
N ASN B 266 15.24 21.20 18.26
CA ASN B 266 15.62 20.82 16.90
C ASN B 266 16.66 21.80 16.39
N TYR B 267 17.79 21.28 15.91
CA TYR B 267 18.85 22.09 15.34
C TYR B 267 19.01 21.78 13.86
N VAL B 268 19.44 22.78 13.10
CA VAL B 268 19.72 22.63 11.68
C VAL B 268 21.00 23.38 11.38
N LYS B 269 21.90 22.76 10.62
CA LYS B 269 23.14 23.42 10.26
C LYS B 269 22.86 24.66 9.44
N ARG B 270 23.80 25.60 9.49
CA ARG B 270 23.69 26.85 8.74
C ARG B 270 24.35 26.66 7.37
N ALA B 271 24.56 27.77 6.66
CA ALA B 271 25.26 27.74 5.38
C ALA B 271 26.54 28.56 5.44
N LYS C 5 -5.56 1.29 -10.88
CA LYS C 5 -5.29 0.05 -11.58
C LYS C 5 -6.45 -0.30 -12.53
N ASP C 6 -6.32 -1.42 -13.23
CA ASP C 6 -7.31 -1.85 -14.21
C ASP C 6 -8.21 -2.93 -13.62
N SER C 7 -9.33 -3.18 -14.32
CA SER C 7 -10.29 -4.15 -13.83
C SER C 7 -9.79 -5.58 -14.00
N LEU C 8 -9.02 -5.85 -15.05
CA LEU C 8 -8.52 -7.21 -15.25
C LEU C 8 -7.51 -7.59 -14.18
N SER C 9 -6.60 -6.68 -13.84
CA SER C 9 -5.71 -6.93 -12.70
C SER C 9 -6.48 -6.93 -11.39
N LEU C 10 -7.57 -6.16 -11.33
CA LEU C 10 -8.40 -6.12 -10.13
C LEU C 10 -9.01 -7.48 -9.83
N MET C 11 -9.47 -8.18 -10.86
CA MET C 11 -9.98 -9.53 -10.67
C MET C 11 -8.87 -10.49 -10.30
N ALA C 12 -7.75 -10.43 -11.02
CA ALA C 12 -6.64 -11.33 -10.73
C ALA C 12 -6.18 -11.20 -9.29
N MET C 13 -6.18 -9.98 -8.76
CA MET C 13 -5.79 -9.80 -7.36
C MET C 13 -6.79 -10.45 -6.43
N TRP C 14 -8.08 -10.19 -6.66
CA TRP C 14 -9.11 -10.75 -5.79
C TRP C 14 -9.00 -12.27 -5.72
N GLY C 15 -8.55 -12.91 -6.79
CA GLY C 15 -8.34 -14.34 -6.75
C GLY C 15 -7.15 -14.73 -5.89
N SER C 16 -6.09 -13.91 -5.93
CA SER C 16 -4.93 -14.16 -5.09
C SER C 16 -5.21 -13.81 -3.63
N ILE C 17 -6.14 -12.88 -3.40
CA ILE C 17 -6.52 -12.52 -2.03
C ILE C 17 -7.32 -13.64 -1.39
N ALA C 18 -8.31 -14.17 -2.11
CA ALA C 18 -9.13 -15.24 -1.56
C ALA C 18 -8.32 -16.50 -1.27
N ARG C 19 -7.16 -16.65 -1.90
CA ARG C 19 -6.22 -17.72 -1.57
C ARG C 19 -5.19 -17.30 -0.55
N PHE C 20 -5.26 -16.07 -0.05
CA PHE C 20 -4.19 -15.53 0.79
C PHE C 20 -4.21 -16.17 2.17
N ASP C 21 -3.05 -16.64 2.60
CA ASP C 21 -2.86 -17.27 3.91
C ASP C 21 -2.18 -16.27 4.83
N PRO C 22 -2.89 -15.64 5.77
CA PRO C 22 -2.24 -14.66 6.64
C PRO C 22 -1.08 -15.31 7.40
N LYS C 23 0.05 -14.60 7.44
CA LYS C 23 1.27 -15.09 8.07
C LYS C 23 1.96 -16.13 7.18
N ARG C 26 6.10 -14.58 6.00
CA ARG C 26 6.53 -14.06 4.72
C ARG C 26 6.28 -15.09 3.63
N SER C 27 5.83 -14.63 2.46
CA SER C 27 5.49 -15.51 1.34
C SER C 27 6.32 -15.13 0.12
N PHE C 28 6.96 -16.13 -0.48
CA PHE C 28 7.81 -15.94 -1.65
C PHE C 28 7.01 -16.20 -2.92
N GLU C 29 7.24 -15.38 -3.94
CA GLU C 29 6.55 -15.51 -5.21
C GLU C 29 7.18 -16.65 -6.00
N GLY C 30 6.47 -17.77 -6.10
CA GLY C 30 6.94 -18.91 -6.85
C GLY C 30 6.79 -18.73 -8.35
N PRO C 31 5.56 -18.43 -8.80
CA PRO C 31 5.33 -18.23 -10.23
C PRO C 31 6.39 -17.34 -10.87
N GLU C 32 6.79 -17.69 -12.08
CA GLU C 32 7.89 -17.04 -12.77
C GLU C 32 7.40 -16.22 -13.95
N LYS C 33 8.23 -15.23 -14.31
CA LYS C 33 8.06 -14.48 -15.53
C LYS C 33 9.04 -15.02 -16.57
N ARG C 34 8.56 -15.20 -17.80
CA ARG C 34 9.35 -15.82 -18.86
C ARG C 34 9.45 -14.86 -20.04
N LEU C 35 10.67 -14.45 -20.35
CA LEU C 35 10.97 -13.66 -21.54
C LEU C 35 11.74 -14.53 -22.53
N GLU C 36 11.29 -14.54 -23.78
CA GLU C 36 11.97 -15.27 -24.84
C GLU C 36 12.13 -14.35 -26.06
N VAL C 37 13.35 -14.28 -26.58
CA VAL C 37 13.66 -13.49 -27.76
C VAL C 37 14.33 -14.42 -28.76
N ILE C 38 13.65 -14.70 -29.86
CA ILE C 38 14.25 -15.39 -31.00
C ILE C 38 14.66 -14.34 -32.01
N MET C 39 15.80 -14.57 -32.67
CA MET C 39 16.32 -13.62 -33.65
C MET C 39 16.42 -14.30 -35.02
N ARG C 40 16.35 -13.48 -36.05
CA ARG C 40 16.48 -13.94 -37.42
C ARG C 40 17.93 -13.88 -37.87
N VAL C 41 18.31 -14.81 -38.74
CA VAL C 41 19.66 -14.85 -39.30
C VAL C 41 19.60 -14.27 -40.71
N VAL C 42 20.40 -13.23 -40.95
CA VAL C 42 20.45 -12.58 -42.25
C VAL C 42 21.84 -12.77 -42.85
N ASP C 43 22.09 -12.15 -43.99
CA ASP C 43 23.45 -12.14 -44.54
C ASP C 43 24.37 -11.36 -43.62
N GLY C 44 25.57 -11.90 -43.40
CA GLY C 44 26.54 -11.26 -42.53
C GLY C 44 26.33 -11.49 -41.05
N THR C 45 25.43 -12.40 -40.67
CA THR C 45 25.22 -12.72 -39.27
C THR C 45 26.31 -13.67 -38.79
N HIS C 46 26.74 -13.47 -37.54
CA HIS C 46 27.81 -14.27 -36.97
C HIS C 46 27.54 -15.76 -37.17
N VAL C 47 28.62 -16.52 -37.39
CA VAL C 47 28.49 -17.95 -37.63
C VAL C 47 28.01 -18.66 -36.36
N SER C 48 28.62 -18.33 -35.22
CA SER C 48 28.17 -18.84 -33.94
C SER C 48 26.90 -18.16 -33.44
N GLY C 49 26.21 -17.43 -34.32
CA GLY C 49 24.97 -16.78 -33.96
C GLY C 49 25.09 -15.95 -32.70
N LEU C 50 24.35 -16.34 -31.67
CA LEU C 50 24.31 -15.60 -30.43
C LEU C 50 25.33 -16.09 -29.41
N LEU C 51 25.79 -17.33 -29.53
CA LEU C 51 26.79 -17.88 -28.62
C LEU C 51 28.09 -17.11 -28.65
N ALA C 52 28.28 -16.24 -29.64
CA ALA C 52 29.51 -15.46 -29.74
C ALA C 52 29.84 -14.78 -28.42
N HIS C 53 28.90 -14.03 -27.87
CA HIS C 53 29.13 -13.30 -26.63
C HIS C 53 29.67 -14.22 -25.55
N ASP C 54 30.70 -13.76 -24.85
CA ASP C 54 31.20 -14.47 -23.69
C ASP C 54 30.29 -14.18 -22.48
N ASP C 55 30.62 -14.80 -21.35
CA ASP C 55 29.80 -14.62 -20.15
C ASP C 55 29.81 -13.19 -19.63
N ASP C 56 30.58 -12.28 -20.24
CA ASP C 56 30.59 -10.88 -19.81
C ASP C 56 29.29 -10.18 -20.17
N VAL C 57 28.85 -10.31 -21.42
CA VAL C 57 27.65 -9.61 -21.86
C VAL C 57 26.44 -10.10 -21.10
N TRP C 58 26.28 -11.43 -21.02
CA TRP C 58 25.15 -11.99 -20.28
C TRP C 58 25.18 -11.57 -18.82
N GLN C 59 26.38 -11.39 -18.25
CA GLN C 59 26.46 -10.90 -16.88
C GLN C 59 25.95 -9.47 -16.77
N LYS C 60 26.13 -8.67 -17.82
CA LYS C 60 25.59 -7.31 -17.80
C LYS C 60 24.10 -7.29 -18.05
N VAL C 61 23.59 -8.26 -18.83
CA VAL C 61 22.14 -8.42 -18.97
C VAL C 61 21.52 -8.73 -17.62
N ILE C 62 22.19 -9.56 -16.82
CA ILE C 62 21.63 -9.99 -15.54
C ILE C 62 21.70 -8.88 -14.51
N ASP C 63 22.72 -8.02 -14.58
CA ASP C 63 22.77 -6.87 -13.67
C ASP C 63 21.59 -5.94 -13.90
N ALA C 64 21.11 -5.84 -15.14
CA ALA C 64 20.01 -4.93 -15.45
C ALA C 64 18.73 -5.28 -14.69
N ILE C 65 18.64 -6.50 -14.14
CA ILE C 65 17.49 -6.94 -13.37
C ILE C 65 17.82 -7.17 -11.91
N CYS C 66 19.05 -6.85 -11.49
CA CYS C 66 19.48 -7.01 -10.10
C CYS C 66 19.48 -8.48 -9.69
N ALA C 67 20.14 -9.30 -10.50
CA ALA C 67 20.41 -10.69 -10.18
C ALA C 67 21.90 -10.96 -10.42
N HIS C 68 22.32 -12.19 -10.18
CA HIS C 68 23.70 -12.56 -10.47
C HIS C 68 23.76 -14.05 -10.76
N ILE C 69 24.71 -14.42 -11.62
CA ILE C 69 24.91 -15.81 -12.01
C ILE C 69 25.62 -16.55 -10.87
N VAL C 70 25.39 -17.85 -10.78
CA VAL C 70 26.03 -18.69 -9.78
C VAL C 70 26.86 -19.80 -10.42
N SER C 71 26.35 -20.43 -11.49
CA SER C 71 27.03 -21.55 -12.11
C SER C 71 26.66 -21.58 -13.59
N ARG C 72 27.60 -22.10 -14.39
CA ARG C 72 27.45 -22.14 -15.83
C ARG C 72 27.64 -23.56 -16.32
N GLU C 73 27.12 -23.82 -17.51
CA GLU C 73 27.41 -25.06 -18.24
C GLU C 73 27.27 -24.75 -19.72
N PHE C 74 28.38 -24.76 -20.45
CA PHE C 74 28.33 -24.51 -21.88
C PHE C 74 27.99 -25.80 -22.62
N ASN C 75 27.99 -25.73 -23.94
CA ASN C 75 27.55 -26.82 -24.79
C ASN C 75 27.73 -26.34 -26.22
N GLU C 76 27.64 -27.28 -27.17
CA GLU C 76 27.72 -26.89 -28.57
C GLU C 76 26.49 -26.09 -28.97
N TYR C 77 25.31 -26.48 -28.46
CA TYR C 77 24.06 -25.90 -28.90
C TYR C 77 23.49 -24.85 -27.95
N ILE C 78 23.95 -24.80 -26.71
CA ILE C 78 23.25 -24.02 -25.69
C ILE C 78 24.23 -23.55 -24.62
N ARG C 79 23.99 -22.34 -24.11
CA ARG C 79 24.58 -21.86 -22.87
C ARG C 79 23.53 -21.90 -21.78
N SER C 80 23.99 -22.04 -20.53
CA SER C 80 23.07 -22.23 -19.42
C SER C 80 23.62 -21.52 -18.19
N TYR C 81 22.75 -20.75 -17.52
CA TYR C 81 23.11 -20.04 -16.30
C TYR C 81 22.00 -20.21 -15.28
N VAL C 82 22.38 -20.50 -14.03
CA VAL C 82 21.45 -20.49 -12.91
C VAL C 82 21.54 -19.13 -12.25
N LEU C 83 20.38 -18.59 -11.88
CA LEU C 83 20.29 -17.24 -11.33
C LEU C 83 19.77 -17.28 -9.91
N SER C 84 20.18 -16.29 -9.12
CA SER C 84 19.72 -16.13 -7.74
C SER C 84 19.58 -14.64 -7.44
N GLU C 85 18.47 -14.28 -6.79
CA GLU C 85 18.18 -12.89 -6.47
C GLU C 85 19.30 -12.31 -5.59
N SER D 2 16.61 -18.70 -14.39
CA SER D 2 17.42 -19.35 -15.40
C SER D 2 17.64 -18.44 -16.61
N LEU D 3 18.80 -18.61 -17.24
CA LEU D 3 19.11 -17.94 -18.50
C LEU D 3 19.65 -18.97 -19.46
N PHE D 4 19.00 -19.12 -20.61
CA PHE D 4 19.43 -20.03 -21.66
C PHE D 4 19.76 -19.21 -22.90
N VAL D 5 21.02 -19.25 -23.31
CA VAL D 5 21.49 -18.55 -24.50
C VAL D 5 21.79 -19.60 -25.55
N MET D 6 20.96 -19.65 -26.59
CA MET D 6 21.13 -20.61 -27.67
C MET D 6 21.70 -19.89 -28.89
N LYS D 7 21.93 -20.66 -29.96
CA LYS D 7 22.47 -20.08 -31.18
C LYS D 7 21.62 -18.89 -31.66
N ASP D 8 20.30 -19.01 -31.56
CA ASP D 8 19.40 -18.05 -32.18
C ASP D 8 18.44 -17.37 -31.23
N ARG D 9 18.43 -17.68 -29.94
CA ARG D 9 17.43 -17.09 -29.06
C ARG D 9 17.96 -16.98 -27.64
N VAL D 10 17.20 -16.24 -26.82
CA VAL D 10 17.46 -16.05 -25.41
C VAL D 10 16.20 -16.43 -24.64
N ILE D 11 16.34 -17.32 -23.66
CA ILE D 11 15.23 -17.70 -22.79
C ILE D 11 15.64 -17.36 -21.37
N LEU D 12 14.90 -16.44 -20.74
CA LEU D 12 15.22 -15.92 -19.42
C LEU D 12 14.02 -16.13 -18.51
N ILE D 13 14.22 -16.89 -17.43
CA ILE D 13 13.16 -17.23 -16.49
C ILE D 13 13.54 -16.70 -15.11
N THR D 14 12.66 -15.90 -14.52
CA THR D 14 12.91 -15.34 -13.21
C THR D 14 11.66 -15.45 -12.36
N CYS D 15 11.85 -15.41 -11.04
CA CYS D 15 10.74 -15.45 -10.10
C CYS D 15 10.89 -14.36 -9.05
N GLY D 16 10.04 -14.39 -8.02
CA GLY D 16 10.11 -13.40 -6.97
C GLY D 16 9.57 -12.06 -7.38
N THR D 17 10.40 -11.03 -7.27
CA THR D 17 10.01 -9.67 -7.65
C THR D 17 11.00 -9.06 -8.63
N ILE D 18 11.83 -9.89 -9.28
CA ILE D 18 12.79 -9.37 -10.24
C ILE D 18 12.04 -8.73 -11.40
N THR D 19 12.47 -7.52 -11.80
CA THR D 19 11.83 -6.81 -12.90
C THR D 19 12.41 -7.34 -14.20
N LEU D 20 11.72 -8.32 -14.77
CA LEU D 20 12.27 -9.05 -15.91
C LEU D 20 12.42 -8.17 -17.15
N LEU D 21 11.58 -7.15 -17.30
CA LEU D 21 11.53 -6.37 -18.53
C LEU D 21 12.63 -5.33 -18.63
N ASN D 22 13.39 -5.08 -17.56
CA ASN D 22 14.43 -4.06 -17.62
C ASN D 22 15.64 -4.49 -18.43
N CYS D 23 15.74 -5.77 -18.81
CA CYS D 23 16.87 -6.26 -19.58
C CYS D 23 16.56 -6.36 -21.06
N VAL D 24 15.46 -5.79 -21.53
CA VAL D 24 15.08 -5.85 -22.93
C VAL D 24 16.10 -5.07 -23.77
N PRO D 25 16.41 -3.81 -23.43
CA PRO D 25 17.38 -3.08 -24.26
C PRO D 25 18.70 -3.80 -24.43
N LEU D 26 19.26 -4.34 -23.34
CA LEU D 26 20.54 -5.02 -23.42
C LEU D 26 20.47 -6.28 -24.28
N ILE D 27 19.34 -6.99 -24.21
CA ILE D 27 19.15 -8.15 -25.08
C ILE D 27 19.19 -7.71 -26.54
N CYS D 28 18.43 -6.66 -26.88
CA CYS D 28 18.42 -6.16 -28.25
C CYS D 28 19.82 -5.80 -28.72
N GLU D 29 20.61 -5.13 -27.87
CA GLU D 29 21.98 -4.82 -28.24
C GLU D 29 22.78 -6.09 -28.46
N ALA D 30 22.52 -7.14 -27.68
CA ALA D 30 23.21 -8.40 -27.87
C ALA D 30 22.87 -9.05 -29.20
N VAL D 31 21.76 -8.65 -29.82
CA VAL D 31 21.42 -9.15 -31.14
C VAL D 31 22.01 -8.28 -32.24
N SER D 32 22.19 -6.97 -31.98
CA SER D 32 22.79 -6.10 -32.99
C SER D 32 24.30 -6.32 -33.09
N THR D 33 24.97 -6.60 -31.97
CA THR D 33 26.40 -6.84 -32.00
C THR D 33 26.74 -7.97 -32.96
N VAL D 34 25.92 -9.02 -32.99
CA VAL D 34 26.18 -10.18 -33.85
C VAL D 34 25.44 -10.00 -35.17
N CYS D 35 24.95 -8.78 -35.43
CA CYS D 35 24.29 -8.46 -36.69
C CYS D 35 23.12 -9.41 -36.95
N GLY D 36 22.25 -9.53 -35.94
CA GLY D 36 21.00 -10.25 -36.07
C GLY D 36 19.81 -9.31 -35.99
N GLU D 37 18.62 -9.92 -36.10
CA GLU D 37 17.39 -9.14 -36.12
C GLU D 37 16.30 -9.92 -35.38
N VAL D 38 15.56 -9.20 -34.52
CA VAL D 38 14.49 -9.82 -33.73
C VAL D 38 13.30 -10.13 -34.62
N GLU D 39 12.77 -11.36 -34.49
CA GLU D 39 11.58 -11.75 -35.22
C GLU D 39 10.48 -12.35 -34.35
N TRP D 40 10.74 -12.61 -33.07
CA TRP D 40 9.77 -13.25 -32.20
C TRP D 40 10.11 -12.90 -30.76
N VAL D 41 9.18 -12.26 -30.07
CA VAL D 41 9.31 -11.95 -28.66
C VAL D 41 8.02 -12.36 -27.97
N SER D 42 8.14 -13.09 -26.86
CA SER D 42 6.99 -13.51 -26.07
C SER D 42 7.29 -13.26 -24.60
N PHE D 43 6.40 -12.53 -23.93
CA PHE D 43 6.47 -12.36 -22.49
C PHE D 43 5.29 -13.09 -21.86
N MET D 44 5.60 -13.94 -20.88
CA MET D 44 4.63 -14.88 -20.34
C MET D 44 4.84 -15.01 -18.85
N HIS D 45 3.75 -15.23 -18.12
CA HIS D 45 3.88 -15.49 -16.70
C HIS D 45 2.57 -16.01 -16.13
N LYS D 46 2.67 -17.07 -15.33
CA LYS D 46 1.54 -17.54 -14.54
C LYS D 46 1.06 -16.40 -13.63
N ASN D 47 -0.25 -16.36 -13.39
CA ASN D 47 -0.81 -15.31 -12.55
C ASN D 47 -0.12 -15.29 -11.19
N TYR D 48 0.34 -14.11 -10.80
CA TYR D 48 1.09 -13.99 -9.55
C TYR D 48 0.22 -14.37 -8.36
N SER D 49 0.85 -15.04 -7.39
CA SER D 49 0.17 -15.36 -6.15
C SER D 49 0.08 -14.17 -5.21
N PHE D 50 0.95 -13.17 -5.39
CA PHE D 50 0.97 -11.97 -4.55
C PHE D 50 1.26 -10.77 -5.44
N PRO D 51 0.27 -10.33 -6.23
CA PRO D 51 0.53 -9.25 -7.20
C PRO D 51 0.80 -7.90 -6.56
N TRP D 52 0.19 -7.60 -5.41
CA TRP D 52 0.40 -6.31 -4.78
C TRP D 52 1.86 -6.09 -4.40
N GLU D 53 2.65 -7.16 -4.28
CA GLU D 53 4.07 -7.04 -3.97
C GLU D 53 4.92 -6.81 -5.22
N GLN D 54 4.39 -7.08 -6.40
CA GLN D 54 5.16 -6.86 -7.63
C GLN D 54 5.45 -5.37 -7.79
N LYS D 55 6.59 -5.07 -8.41
CA LYS D 55 7.11 -3.73 -8.49
C LYS D 55 7.37 -3.36 -9.95
N GLY D 56 7.66 -2.09 -10.18
CA GLY D 56 7.99 -1.62 -11.50
C GLY D 56 6.85 -1.85 -12.48
N PRO D 57 7.18 -2.26 -13.71
CA PRO D 57 6.12 -2.48 -14.70
C PRO D 57 5.27 -3.71 -14.44
N HIS D 58 5.60 -4.53 -13.43
CA HIS D 58 4.89 -5.77 -13.17
C HIS D 58 3.82 -5.62 -12.10
N LEU D 59 3.52 -4.39 -11.68
CA LEU D 59 2.54 -4.21 -10.61
C LEU D 59 1.14 -4.60 -11.07
N SER D 60 0.81 -4.34 -12.33
CA SER D 60 -0.47 -4.74 -12.90
C SER D 60 -0.26 -5.17 -14.35
N MET D 61 -1.16 -6.01 -14.84
CA MET D 61 -1.04 -6.51 -16.20
C MET D 61 -1.03 -5.38 -17.22
N ALA D 62 -1.78 -4.31 -16.94
CA ALA D 62 -1.72 -3.15 -17.83
C ALA D 62 -0.31 -2.58 -17.90
N GLU D 63 0.39 -2.53 -16.76
CA GLU D 63 1.76 -2.01 -16.75
C GLU D 63 2.68 -2.89 -17.59
N GLU D 64 2.53 -4.22 -17.49
CA GLU D 64 3.35 -5.10 -18.31
C GLU D 64 3.02 -4.93 -19.79
N PHE D 65 1.75 -4.69 -20.10
CA PHE D 65 1.34 -4.48 -21.49
C PHE D 65 1.77 -3.11 -22.00
N LYS D 66 1.72 -2.09 -21.13
CA LYS D 66 2.18 -0.77 -21.52
C LYS D 66 3.69 -0.79 -21.81
N THR D 67 4.46 -1.35 -20.88
CA THR D 67 5.90 -1.43 -21.04
C THR D 67 6.26 -2.16 -22.33
N LEU D 68 5.76 -3.39 -22.49
CA LEU D 68 6.09 -4.17 -23.67
C LEU D 68 5.66 -3.47 -24.95
N ARG D 69 4.52 -2.77 -24.90
CA ARG D 69 4.06 -2.05 -26.08
C ARG D 69 5.00 -0.92 -26.47
N SER D 70 5.63 -0.27 -25.49
CA SER D 70 6.53 0.84 -25.79
C SER D 70 7.73 0.40 -26.60
N HIS D 71 8.03 -0.90 -26.62
CA HIS D 71 9.14 -1.44 -27.40
C HIS D 71 8.70 -2.17 -28.65
N PHE D 72 7.65 -2.99 -28.54
CA PHE D 72 7.10 -3.75 -29.67
C PHE D 72 5.64 -3.36 -29.83
N PRO D 73 5.35 -2.27 -30.55
CA PRO D 73 3.97 -1.76 -30.56
C PRO D 73 2.95 -2.68 -31.21
N SER D 74 3.39 -3.64 -32.02
CA SER D 74 2.46 -4.52 -32.72
C SER D 74 2.06 -5.74 -31.89
N GLY D 75 2.70 -5.97 -30.76
CA GLY D 75 2.40 -7.16 -29.98
C GLY D 75 0.97 -7.19 -29.50
N GLN D 76 0.50 -8.42 -29.23
CA GLN D 76 -0.86 -8.64 -28.78
C GLN D 76 -0.85 -9.32 -27.40
N PRO D 77 -1.67 -8.86 -26.45
CA PRO D 77 -1.74 -9.52 -25.14
C PRO D 77 -2.91 -10.50 -25.04
N PHE D 78 -2.72 -11.60 -24.31
CA PHE D 78 -3.75 -12.59 -24.08
C PHE D 78 -3.76 -13.00 -22.61
N ILE D 79 -4.95 -13.35 -22.12
CA ILE D 79 -5.11 -13.93 -20.79
C ILE D 79 -5.87 -15.24 -20.97
N PHE D 80 -5.16 -16.36 -20.88
CA PHE D 80 -5.75 -17.67 -21.02
C PHE D 80 -6.22 -18.18 -19.66
N GLY D 81 -7.52 -18.39 -19.52
CA GLY D 81 -8.04 -19.04 -18.34
C GLY D 81 -8.85 -18.12 -17.45
N PRO D 82 -9.29 -18.66 -16.30
CA PRO D 82 -10.05 -17.85 -15.34
C PRO D 82 -9.18 -16.76 -14.73
N ILE D 83 -9.65 -15.51 -14.83
CA ILE D 83 -8.84 -14.36 -14.45
C ILE D 83 -8.68 -14.28 -12.94
N ASP D 84 -9.68 -14.72 -12.17
CA ASP D 84 -9.57 -14.74 -10.71
C ASP D 84 -9.20 -16.11 -10.18
N SER D 85 -8.78 -17.02 -11.06
CA SER D 85 -8.21 -18.29 -10.66
C SER D 85 -6.91 -18.44 -11.44
N ASP D 86 -6.42 -19.67 -11.57
CA ASP D 86 -5.17 -19.89 -12.28
C ASP D 86 -5.31 -19.46 -13.74
N HIS D 87 -4.37 -18.64 -14.20
CA HIS D 87 -4.36 -18.20 -15.59
C HIS D 87 -2.96 -17.73 -15.97
N TYR D 88 -2.74 -17.61 -17.27
CA TYR D 88 -1.47 -17.16 -17.84
C TYR D 88 -1.67 -15.85 -18.58
N PHE D 89 -0.68 -14.95 -18.45
CA PHE D 89 -0.66 -13.69 -19.19
C PHE D 89 0.41 -13.79 -20.28
N LEU D 90 -0.01 -13.75 -21.54
CA LEU D 90 0.91 -13.77 -22.66
C LEU D 90 0.88 -12.43 -23.39
N TYR D 91 2.07 -11.97 -23.78
CA TYR D 91 2.22 -10.88 -24.73
C TYR D 91 3.11 -11.40 -25.85
N PHE D 92 2.61 -11.36 -27.08
CA PHE D 92 3.28 -11.99 -28.20
C PHE D 92 3.47 -10.98 -29.33
N HIS D 93 4.72 -10.84 -29.79
CA HIS D 93 5.06 -9.96 -30.89
C HIS D 93 5.79 -10.76 -31.95
N SER D 94 5.40 -10.58 -33.22
CA SER D 94 6.04 -11.26 -34.33
C SER D 94 6.33 -10.27 -35.45
N ASP D 95 7.52 -10.40 -36.04
CA ASP D 95 7.97 -9.57 -37.15
C ASP D 95 8.70 -10.47 -38.14
N VAL D 96 7.95 -11.35 -38.80
CA VAL D 96 8.51 -12.33 -39.72
C VAL D 96 8.36 -11.77 -41.14
N VAL D 97 9.50 -11.40 -41.74
CA VAL D 97 9.48 -10.93 -43.12
C VAL D 97 9.31 -12.08 -44.10
N GLN D 98 10.03 -13.18 -43.88
CA GLN D 98 9.97 -14.35 -44.73
C GLN D 98 9.45 -15.53 -43.93
N PRO D 99 8.43 -16.25 -44.40
CA PRO D 99 8.01 -17.46 -43.69
C PRO D 99 9.20 -18.40 -43.50
N SER D 100 9.26 -19.02 -42.32
CA SER D 100 10.35 -19.92 -41.99
C SER D 100 9.76 -21.16 -41.34
N CYS D 101 10.59 -22.20 -41.22
CA CYS D 101 10.16 -23.44 -40.62
C CYS D 101 10.10 -23.28 -39.11
N SER D 102 8.95 -23.62 -38.53
CA SER D 102 8.73 -23.55 -37.08
C SER D 102 8.42 -24.96 -36.58
N ASP D 103 9.41 -25.61 -35.94
CA ASP D 103 9.22 -26.94 -35.38
C ASP D 103 9.64 -27.00 -33.91
N ASP D 104 9.63 -25.88 -33.20
CA ASP D 104 10.02 -25.86 -31.80
C ASP D 104 8.88 -26.38 -30.92
N ALA D 105 9.20 -26.58 -29.64
CA ALA D 105 8.22 -27.01 -28.65
C ALA D 105 8.49 -26.33 -27.33
N GLN D 106 7.43 -26.15 -26.54
CA GLN D 106 7.56 -25.54 -25.21
C GLN D 106 6.52 -26.15 -24.30
N LEU D 107 6.98 -26.78 -23.21
CA LEU D 107 6.11 -27.35 -22.18
C LEU D 107 6.43 -26.66 -20.86
N SER D 108 5.42 -26.13 -20.20
CA SER D 108 5.57 -25.49 -18.91
C SER D 108 4.59 -26.07 -17.93
N MET D 109 5.02 -26.16 -16.66
CA MET D 109 4.18 -26.65 -15.59
C MET D 109 4.29 -25.72 -14.39
N THR D 110 3.17 -25.54 -13.68
CA THR D 110 3.11 -24.74 -12.48
C THR D 110 2.30 -25.51 -11.46
N MET D 111 2.90 -25.81 -10.32
CA MET D 111 2.35 -26.76 -9.36
C MET D 111 2.27 -26.13 -7.99
N TYR D 112 1.20 -26.45 -7.25
CA TYR D 112 0.98 -25.95 -5.91
C TYR D 112 0.56 -27.09 -4.99
N GLY D 113 0.74 -26.88 -3.69
CA GLY D 113 0.42 -27.89 -2.71
C GLY D 113 1.25 -29.14 -2.90
N LEU D 114 2.55 -29.04 -2.66
CA LEU D 114 3.49 -30.11 -2.99
C LEU D 114 3.53 -31.16 -1.88
N ASP D 115 4.01 -32.35 -2.26
CA ASP D 115 4.14 -33.46 -1.31
C ASP D 115 5.07 -33.08 -0.17
N ARG D 116 4.55 -33.12 1.06
CA ARG D 116 5.33 -32.68 2.21
C ARG D 116 6.53 -33.60 2.44
N ASN D 117 6.35 -34.91 2.30
CA ASN D 117 7.48 -35.84 2.42
C ASN D 117 8.61 -35.49 1.47
N GLN D 118 8.31 -34.78 0.38
CA GLN D 118 9.34 -34.35 -0.55
C GLN D 118 9.94 -33.00 -0.15
N THR D 119 9.12 -32.06 0.33
CA THR D 119 9.62 -30.72 0.63
C THR D 119 10.57 -30.72 1.82
N LYS D 120 10.50 -31.72 2.70
CA LYS D 120 11.51 -31.84 3.75
C LYS D 120 12.91 -31.79 3.16
N HIS D 121 13.09 -32.44 2.01
CA HIS D 121 14.43 -32.61 1.45
C HIS D 121 14.98 -31.31 0.88
N TRP D 122 14.13 -30.44 0.34
CA TRP D 122 14.57 -29.15 -0.18
C TRP D 122 14.59 -28.12 0.95
N TYR D 123 15.43 -28.43 1.95
CA TYR D 123 15.71 -27.55 3.07
C TYR D 123 17.16 -27.80 3.45
N SER D 124 17.89 -26.75 3.81
CA SER D 124 19.28 -26.92 4.17
C SER D 124 19.77 -25.73 4.96
N ASP D 125 20.84 -25.93 5.72
CA ASP D 125 21.46 -24.89 6.51
C ASP D 125 22.60 -24.19 5.78
N LYS D 126 23.06 -24.74 4.66
CA LYS D 126 24.16 -24.18 3.89
C LYS D 126 23.72 -23.99 2.45
N MET D 127 24.00 -22.82 1.90
CA MET D 127 23.87 -22.65 0.46
C MET D 127 24.77 -23.66 -0.22
N LEU D 128 24.20 -24.54 -1.02
CA LEU D 128 24.94 -25.67 -1.58
C LEU D 128 24.87 -25.68 -3.10
N PRO D 129 25.97 -25.43 -3.80
CA PRO D 129 25.97 -25.60 -5.26
C PRO D 129 25.99 -27.09 -5.59
N THR D 130 26.05 -27.38 -6.88
CA THR D 130 26.08 -28.75 -7.36
C THR D 130 27.21 -29.52 -6.67
N GLY D 131 26.89 -30.71 -6.16
CA GLY D 131 27.85 -31.53 -5.44
C GLY D 131 27.24 -32.83 -4.95
N PRO D 132 27.95 -33.53 -4.04
CA PRO D 132 27.37 -34.76 -3.49
C PRO D 132 26.10 -34.51 -2.68
N GLU D 133 26.04 -33.38 -1.97
CA GLU D 133 24.86 -33.08 -1.16
C GLU D 133 23.62 -33.00 -2.04
N THR D 134 23.71 -32.31 -3.18
CA THR D 134 22.56 -32.19 -4.06
C THR D 134 22.28 -33.51 -4.79
N ALA D 135 23.33 -34.18 -5.27
CA ALA D 135 23.15 -35.50 -5.87
C ALA D 135 22.35 -36.40 -4.95
N VAL D 136 22.55 -36.27 -3.64
CA VAL D 136 21.72 -36.99 -2.67
C VAL D 136 20.28 -36.54 -2.78
N ILE D 137 20.06 -35.22 -2.76
CA ILE D 137 18.69 -34.69 -2.84
C ILE D 137 18.00 -35.17 -4.11
N ARG D 138 18.73 -35.19 -5.23
CA ARG D 138 18.12 -35.60 -6.49
C ARG D 138 17.72 -37.07 -6.46
N GLU D 139 18.57 -37.93 -5.88
CA GLU D 139 18.21 -39.32 -5.69
C GLU D 139 17.06 -39.45 -4.69
N ALA D 140 17.16 -38.75 -3.56
CA ALA D 140 16.19 -38.91 -2.49
C ALA D 140 14.79 -38.50 -2.93
N THR D 141 14.67 -37.62 -3.91
CA THR D 141 13.38 -37.10 -4.32
C THR D 141 12.90 -37.60 -5.68
N GLY D 142 13.76 -38.26 -6.45
CA GLY D 142 13.38 -38.73 -7.76
C GLY D 142 13.71 -37.80 -8.90
N LEU D 143 14.33 -36.65 -8.61
CA LEU D 143 14.76 -35.76 -9.68
C LEU D 143 15.74 -36.45 -10.61
N SER D 144 16.49 -37.43 -10.10
CA SER D 144 17.40 -38.19 -10.93
C SER D 144 16.66 -38.95 -12.02
N GLU D 145 15.38 -39.27 -11.80
CA GLU D 145 14.56 -39.88 -12.84
C GLU D 145 14.14 -38.85 -13.89
N VAL D 146 13.72 -37.66 -13.45
CA VAL D 146 13.41 -36.60 -14.39
C VAL D 146 14.67 -36.15 -15.12
N VAL D 147 15.75 -35.94 -14.38
CA VAL D 147 17.04 -35.55 -14.94
C VAL D 147 18.01 -36.69 -14.69
N ASP D 148 18.27 -37.49 -15.71
CA ASP D 148 19.12 -38.66 -15.56
C ASP D 148 20.56 -38.35 -15.95
N ASP D 149 21.38 -39.40 -16.03
CA ASP D 149 22.80 -39.23 -16.36
C ASP D 149 22.99 -38.58 -17.72
N SER D 150 22.09 -38.84 -18.67
CA SER D 150 22.28 -38.33 -20.03
C SER D 150 22.37 -36.82 -20.04
N TRP D 151 21.54 -36.14 -19.24
CA TRP D 151 21.55 -34.70 -19.19
C TRP D 151 22.78 -34.19 -18.44
N ILE D 152 23.34 -33.08 -18.93
CA ILE D 152 24.32 -32.31 -18.18
C ILE D 152 23.56 -31.37 -17.27
N LEU D 153 23.96 -31.29 -16.00
CA LEU D 153 23.18 -30.50 -15.07
C LEU D 153 24.06 -29.75 -14.08
N HIS D 154 23.48 -28.68 -13.54
CA HIS D 154 24.01 -27.93 -12.42
C HIS D 154 22.81 -27.45 -11.62
N ASP D 155 22.87 -27.58 -10.30
CA ASP D 155 21.75 -27.24 -9.44
C ASP D 155 22.24 -26.52 -8.20
N LEU D 156 21.31 -25.90 -7.49
CA LEU D 156 21.64 -25.14 -6.29
C LEU D 156 20.56 -25.35 -5.25
N GLN D 157 20.95 -25.88 -4.09
CA GLN D 157 20.08 -25.95 -2.92
C GLN D 157 20.29 -24.69 -2.09
N TYR D 158 19.19 -24.03 -1.74
CA TYR D 158 19.26 -22.75 -1.05
C TYR D 158 19.14 -22.92 0.45
N GLU D 159 19.61 -21.92 1.17
CA GLU D 159 19.41 -21.84 2.61
C GLU D 159 18.51 -20.65 2.90
N PRO D 160 17.43 -20.85 3.69
CA PRO D 160 17.04 -22.08 4.39
C PRO D 160 16.19 -23.08 3.58
N CYS D 161 15.83 -22.73 2.34
CA CYS D 161 15.06 -23.64 1.51
C CYS D 161 14.97 -23.08 0.09
N GLY D 162 14.68 -23.97 -0.86
CA GLY D 162 14.63 -23.61 -2.26
C GLY D 162 15.60 -24.44 -3.07
N TYR D 163 15.21 -24.84 -4.28
CA TYR D 163 16.07 -25.66 -5.12
C TYR D 163 15.82 -25.35 -6.58
N SER D 164 16.88 -24.95 -7.28
CA SER D 164 16.88 -24.75 -8.72
C SER D 164 17.78 -25.79 -9.37
N ILE D 165 17.40 -26.21 -10.57
CA ILE D 165 18.24 -27.12 -11.35
C ILE D 165 18.08 -26.77 -12.83
N ASN D 166 19.18 -26.88 -13.56
CA ASN D 166 19.20 -26.73 -15.01
C ASN D 166 19.85 -27.95 -15.61
N ALA D 167 19.32 -28.40 -16.75
CA ALA D 167 19.84 -29.58 -17.43
C ALA D 167 19.79 -29.36 -18.94
N ILE D 168 20.88 -29.72 -19.62
CA ILE D 168 20.98 -29.56 -21.07
C ILE D 168 21.51 -30.85 -21.67
N ARG D 169 20.89 -31.29 -22.76
CA ARG D 169 21.32 -32.48 -23.49
C ARG D 169 21.20 -32.15 -24.98
N GLY D 170 22.33 -31.89 -25.62
CA GLY D 170 22.33 -31.44 -26.99
C GLY D 170 21.76 -30.05 -27.11
N SER D 171 20.63 -29.91 -27.80
CA SER D 171 19.92 -28.64 -27.86
C SER D 171 18.79 -28.54 -26.85
N GLU D 172 18.32 -29.66 -26.31
CA GLU D 172 17.23 -29.67 -25.35
C GLU D 172 17.69 -29.10 -24.00
N TYR D 173 16.72 -28.59 -23.23
CA TYR D 173 17.00 -28.08 -21.89
C TYR D 173 15.86 -28.46 -20.96
N GLN D 174 16.16 -28.46 -19.66
CA GLN D 174 15.19 -28.76 -18.61
C GLN D 174 15.48 -27.88 -17.40
N THR D 175 14.43 -27.30 -16.81
CA THR D 175 14.60 -26.46 -15.63
C THR D 175 13.48 -26.73 -14.62
N ILE D 176 13.85 -26.82 -13.34
CA ILE D 176 12.92 -26.97 -12.25
C ILE D 176 13.29 -26.00 -11.14
N HIS D 177 12.29 -25.29 -10.61
CA HIS D 177 12.48 -24.34 -9.51
C HIS D 177 11.43 -24.65 -8.44
N ILE D 178 11.89 -24.88 -7.21
CA ILE D 178 11.06 -25.42 -6.15
C ILE D 178 11.02 -24.42 -5.00
N THR D 179 9.80 -24.10 -4.56
CA THR D 179 9.58 -23.29 -3.35
C THR D 179 8.96 -24.18 -2.29
N PRO D 180 9.73 -24.71 -1.33
CA PRO D 180 9.19 -25.73 -0.41
C PRO D 180 8.36 -25.19 0.74
N GLU D 181 8.28 -23.88 0.95
CA GLU D 181 7.47 -23.34 2.03
C GLU D 181 6.08 -23.96 1.99
N GLU D 182 5.62 -24.46 3.14
CA GLU D 182 4.34 -25.17 3.17
C GLU D 182 3.18 -24.23 2.86
N HIS D 183 3.17 -23.05 3.46
CA HIS D 183 2.02 -22.15 3.30
C HIS D 183 1.88 -21.66 1.87
N CYS D 184 2.97 -21.56 1.12
CA CYS D 184 2.92 -21.11 -0.27
C CYS D 184 3.72 -22.03 -1.18
N SER D 185 3.65 -23.34 -0.92
CA SER D 185 4.39 -24.32 -1.72
C SER D 185 4.11 -24.13 -3.21
N PHE D 186 5.18 -24.16 -4.00
CA PHE D 186 5.08 -24.01 -5.45
C PHE D 186 6.26 -24.72 -6.12
N ALA D 187 6.03 -25.15 -7.35
CA ALA D 187 7.07 -25.78 -8.17
C ALA D 187 6.81 -25.45 -9.63
N SER D 188 7.90 -25.29 -10.38
CA SER D 188 7.83 -24.98 -11.80
C SER D 188 8.68 -25.96 -12.59
N TYR D 189 8.24 -26.25 -13.81
CA TYR D 189 8.98 -27.09 -14.73
C TYR D 189 8.80 -26.57 -16.14
N GLU D 190 9.87 -26.61 -16.94
CA GLU D 190 9.80 -26.24 -18.34
C GLU D 190 10.86 -26.98 -19.13
N THR D 191 10.50 -27.40 -20.34
CA THR D 191 11.43 -28.05 -21.25
C THR D 191 11.01 -27.75 -22.68
N ASN D 192 11.97 -27.91 -23.59
CA ASN D 192 11.71 -27.78 -25.03
C ASN D 192 11.89 -29.11 -25.75
N THR D 193 11.67 -30.21 -25.04
CA THR D 193 11.73 -31.53 -25.67
C THR D 193 10.72 -31.63 -26.79
N CYS D 194 11.19 -32.01 -27.98
CA CYS D 194 10.30 -32.39 -29.07
C CYS D 194 9.92 -33.86 -28.87
N ALA D 195 8.69 -34.11 -28.46
CA ALA D 195 8.23 -35.45 -28.15
C ALA D 195 6.86 -35.66 -28.74
N LEU D 196 6.66 -36.83 -29.37
CA LEU D 196 5.36 -37.14 -29.96
C LEU D 196 4.24 -37.06 -28.91
N ASN D 197 4.58 -37.26 -27.63
CA ASN D 197 3.59 -37.29 -26.58
C ASN D 197 4.24 -36.95 -25.25
N TYR D 198 3.68 -35.97 -24.54
CA TYR D 198 4.28 -35.45 -23.32
C TYR D 198 3.82 -36.15 -22.05
N SER D 199 3.01 -37.21 -22.15
CA SER D 199 2.46 -37.85 -20.96
C SER D 199 3.58 -38.33 -20.04
N LYS D 200 4.49 -39.15 -20.56
CA LYS D 200 5.57 -39.68 -19.73
C LYS D 200 6.36 -38.55 -19.07
N CYS D 201 6.70 -37.52 -19.85
CA CYS D 201 7.47 -36.40 -19.30
C CYS D 201 6.72 -35.73 -18.17
N ILE D 202 5.46 -35.37 -18.41
CA ILE D 202 4.66 -34.71 -17.37
C ILE D 202 4.55 -35.60 -16.13
N CYS D 203 4.13 -36.85 -16.33
CA CYS D 203 3.92 -37.75 -15.19
C CYS D 203 5.18 -37.86 -14.35
N GLY D 204 6.34 -38.06 -14.99
CA GLY D 204 7.59 -38.09 -14.24
C GLY D 204 7.74 -36.91 -13.31
N VAL D 205 7.30 -35.73 -13.77
CA VAL D 205 7.38 -34.53 -12.93
C VAL D 205 6.31 -34.58 -11.84
N LEU D 206 5.14 -35.14 -12.16
CA LEU D 206 4.07 -35.21 -11.16
C LEU D 206 4.43 -36.15 -10.03
N ARG D 207 5.10 -37.27 -10.35
CA ARG D 207 5.53 -38.19 -9.30
C ARG D 207 6.38 -37.47 -8.27
N VAL D 208 7.35 -36.67 -8.73
CA VAL D 208 8.28 -36.00 -7.82
C VAL D 208 7.52 -35.12 -6.82
N PHE D 209 6.51 -34.39 -7.29
CA PHE D 209 5.87 -33.36 -6.49
C PHE D 209 4.48 -33.73 -6.00
N ASP D 210 3.71 -34.51 -6.76
CA ASP D 210 2.39 -34.96 -6.35
C ASP D 210 1.55 -33.80 -5.82
N PRO D 211 1.31 -32.77 -6.64
CA PRO D 211 0.68 -31.54 -6.13
C PRO D 211 -0.84 -31.62 -6.08
N GLU D 212 -1.41 -30.85 -5.16
CA GLU D 212 -2.86 -30.77 -5.05
C GLU D 212 -3.49 -30.24 -6.34
N ARG D 213 -2.87 -29.22 -6.94
CA ARG D 213 -3.33 -28.68 -8.21
C ARG D 213 -2.12 -28.24 -9.01
N PHE D 214 -2.27 -28.22 -10.33
CA PHE D 214 -1.22 -27.73 -11.21
C PHE D 214 -1.84 -27.28 -12.52
N SER D 215 -1.03 -26.61 -13.33
CA SER D 215 -1.43 -26.18 -14.66
C SER D 215 -0.33 -26.57 -15.65
N VAL D 216 -0.75 -26.92 -16.86
CA VAL D 216 0.16 -27.32 -17.92
C VAL D 216 -0.20 -26.53 -19.17
N ILE D 217 0.75 -25.79 -19.71
CA ILE D 217 0.56 -25.03 -20.93
C ILE D 217 1.54 -25.54 -21.98
N VAL D 218 1.05 -25.72 -23.19
CA VAL D 218 1.82 -26.31 -24.28
C VAL D 218 1.74 -25.40 -25.49
N PHE D 219 2.89 -25.00 -26.02
CA PHE D 219 2.94 -24.22 -27.25
C PHE D 219 3.26 -25.16 -28.41
N ILE D 220 2.29 -25.34 -29.29
CA ILE D 220 2.45 -26.21 -30.44
C ILE D 220 2.90 -25.38 -31.63
N ASP D 221 3.90 -25.90 -32.35
CA ASP D 221 4.32 -25.35 -33.62
C ASP D 221 3.82 -26.24 -34.76
N PRO D 222 3.60 -25.68 -35.95
CA PRO D 222 2.96 -26.47 -37.01
C PRO D 222 3.82 -27.61 -37.52
N ASP D 223 5.11 -27.37 -37.78
CA ASP D 223 5.96 -28.31 -38.47
C ASP D 223 6.79 -29.17 -37.53
N SER D 224 6.27 -29.47 -36.34
CA SER D 224 6.91 -30.39 -35.42
C SER D 224 6.14 -31.71 -35.40
N ALA D 225 6.84 -32.79 -35.10
CA ALA D 225 6.20 -34.11 -35.05
C ALA D 225 4.95 -34.07 -34.18
N VAL D 226 5.07 -33.42 -33.02
CA VAL D 226 3.90 -33.23 -32.16
C VAL D 226 2.88 -32.31 -32.81
N GLY D 227 3.35 -31.37 -33.62
CA GLY D 227 2.42 -30.52 -34.37
C GLY D 227 1.61 -31.32 -35.38
N LYS D 228 2.27 -32.23 -36.10
CA LYS D 228 1.57 -33.05 -37.07
C LYS D 228 0.57 -33.98 -36.40
N SER D 229 0.94 -34.54 -35.25
CA SER D 229 0.02 -35.45 -34.56
C SER D 229 -1.15 -34.69 -33.96
N TYR D 230 -0.92 -33.48 -33.43
CA TYR D 230 -2.00 -32.73 -32.81
C TYR D 230 -3.08 -32.38 -33.82
N HIS D 231 -2.68 -31.77 -34.95
CA HIS D 231 -3.64 -31.41 -35.98
C HIS D 231 -4.20 -32.64 -36.69
N SER D 232 -3.54 -33.79 -36.56
CA SER D 232 -4.02 -35.06 -37.09
C SER D 232 -5.10 -35.69 -36.21
N GLY D 233 -5.56 -34.99 -35.17
CA GLY D 233 -6.45 -35.58 -34.20
C GLY D 233 -5.78 -36.42 -33.14
N GLY D 234 -4.46 -36.60 -33.24
CA GLY D 234 -3.75 -37.38 -32.26
C GLY D 234 -3.64 -36.68 -30.92
N THR D 235 -3.49 -37.49 -29.87
CA THR D 235 -3.25 -36.98 -28.53
C THR D 235 -1.79 -36.56 -28.38
N ILE D 236 -1.55 -35.65 -27.43
CA ILE D 236 -0.20 -35.12 -27.24
C ILE D 236 0.27 -35.25 -25.80
N GLY D 237 -0.61 -35.69 -24.91
CA GLY D 237 -0.22 -36.03 -23.56
C GLY D 237 -0.75 -35.15 -22.44
N VAL D 238 -1.65 -34.22 -22.73
CA VAL D 238 -2.23 -33.35 -21.72
C VAL D 238 -3.71 -33.68 -21.50
N GLU D 239 -4.21 -34.73 -22.13
CA GLU D 239 -5.61 -35.08 -22.04
C GLU D 239 -5.91 -35.68 -20.66
N PRO D 240 -7.13 -35.49 -20.14
CA PRO D 240 -7.43 -36.01 -18.79
C PRO D 240 -7.22 -37.50 -18.68
N GLU D 241 -7.22 -38.22 -19.80
CA GLU D 241 -7.06 -39.67 -19.78
C GLU D 241 -5.85 -40.08 -18.95
N TYR D 242 -4.75 -39.33 -19.07
CA TYR D 242 -3.48 -39.70 -18.45
C TYR D 242 -3.40 -39.28 -16.98
N TYR D 243 -4.44 -38.67 -16.42
CA TYR D 243 -4.39 -38.10 -15.07
C TYR D 243 -5.65 -38.51 -14.32
N PRO D 244 -5.77 -39.80 -13.98
CA PRO D 244 -6.98 -40.25 -13.29
C PRO D 244 -7.16 -39.66 -11.90
N ASN D 245 -6.07 -39.28 -11.23
CA ASN D 245 -6.16 -38.72 -9.90
C ASN D 245 -6.50 -37.23 -9.92
N TYR D 246 -6.55 -36.61 -11.09
CA TYR D 246 -6.80 -35.17 -11.22
C TYR D 246 -8.08 -34.93 -12.03
N GLU D 247 -8.81 -33.90 -11.61
CA GLU D 247 -10.03 -33.48 -12.30
C GLU D 247 -9.72 -32.21 -13.09
N ALA D 248 -9.93 -32.26 -14.40
CA ALA D 248 -9.66 -31.11 -15.25
C ALA D 248 -10.70 -30.02 -15.01
N HIS D 249 -10.23 -28.83 -14.63
CA HIS D 249 -11.12 -27.73 -14.28
C HIS D 249 -11.34 -26.73 -15.41
N HIS D 250 -10.37 -26.56 -16.31
CA HIS D 250 -10.56 -25.64 -17.42
C HIS D 250 -9.47 -25.84 -18.46
N ARG D 251 -9.83 -25.70 -19.73
CA ARG D 251 -8.90 -25.80 -20.84
C ARG D 251 -9.11 -24.64 -21.80
N THR D 252 -8.03 -24.17 -22.39
CA THR D 252 -8.07 -23.11 -23.38
C THR D 252 -7.24 -23.52 -24.59
N VAL D 253 -7.85 -23.45 -25.76
CA VAL D 253 -7.15 -23.66 -27.03
C VAL D 253 -7.17 -22.34 -27.77
N ASN D 254 -6.02 -21.96 -28.32
CA ASN D 254 -5.88 -20.65 -28.95
C ASN D 254 -4.89 -20.73 -30.09
N GLU D 255 -5.25 -20.10 -31.21
CA GLU D 255 -4.31 -19.80 -32.28
C GLU D 255 -3.97 -18.33 -32.15
N TYR D 256 -2.90 -18.04 -31.40
CA TYR D 256 -2.55 -16.66 -31.11
C TYR D 256 -1.89 -15.98 -32.30
N THR D 257 -1.28 -16.74 -33.20
CA THR D 257 -0.81 -16.26 -34.49
C THR D 257 -1.06 -17.39 -35.49
N PRO D 258 -1.31 -17.06 -36.75
CA PRO D 258 -1.70 -18.09 -37.71
C PRO D 258 -0.75 -19.28 -37.67
N GLY D 259 -1.32 -20.48 -37.68
CA GLY D 259 -0.53 -21.69 -37.70
C GLY D 259 -0.02 -22.15 -36.35
N HIS D 260 0.16 -21.22 -35.42
CA HIS D 260 0.67 -21.56 -34.09
C HIS D 260 -0.47 -21.57 -33.08
N TRP D 261 -0.40 -22.49 -32.13
CA TRP D 261 -1.46 -22.70 -31.16
C TRP D 261 -0.87 -22.79 -29.77
N VAL D 262 -1.75 -22.82 -28.77
CA VAL D 262 -1.36 -22.98 -27.38
C VAL D 262 -2.50 -23.64 -26.62
N LEU D 263 -2.16 -24.64 -25.81
CA LEU D 263 -3.13 -25.34 -24.96
C LEU D 263 -2.74 -25.13 -23.51
N LYS D 264 -3.71 -24.75 -22.67
CA LYS D 264 -3.53 -24.71 -21.23
C LYS D 264 -4.60 -25.56 -20.57
N VAL D 265 -4.22 -26.21 -19.47
CA VAL D 265 -5.16 -27.02 -18.68
C VAL D 265 -4.89 -26.75 -17.20
N ASN D 266 -5.97 -26.52 -16.44
CA ASN D 266 -5.90 -26.38 -14.99
C ASN D 266 -6.42 -27.68 -14.37
N TYR D 267 -5.52 -28.45 -13.77
CA TYR D 267 -5.88 -29.67 -13.07
C TYR D 267 -5.97 -29.43 -11.57
N VAL D 268 -6.84 -30.19 -10.92
CA VAL D 268 -6.94 -30.21 -9.46
C VAL D 268 -7.10 -31.66 -9.03
N LYS D 269 -6.62 -31.95 -7.82
CA LYS D 269 -6.67 -33.31 -7.31
C LYS D 269 -8.07 -33.66 -6.83
N ARG D 270 -8.49 -34.89 -7.13
CA ARG D 270 -9.82 -35.37 -6.76
C ARG D 270 -9.87 -35.74 -5.28
N ALA D 271 -11.08 -36.08 -4.83
CA ALA D 271 -11.29 -36.55 -3.46
C ALA D 271 -11.08 -38.06 -3.38
N THR E 4 8.37 6.30 -7.79
CA THR E 4 7.31 7.09 -7.16
C THR E 4 6.31 6.17 -6.44
N ARG E 5 6.81 5.05 -5.92
CA ARG E 5 5.98 4.05 -5.26
C ARG E 5 6.45 3.84 -3.83
N ILE E 6 5.53 3.96 -2.87
CA ILE E 6 5.80 3.70 -1.46
C ILE E 6 4.93 2.54 -1.02
N ASN E 7 5.53 1.57 -0.35
CA ASN E 7 4.77 0.43 0.17
C ASN E 7 3.89 0.87 1.32
N GLN E 8 2.57 0.76 1.15
CA GLN E 8 1.61 1.19 2.14
C GLN E 8 0.90 -0.03 2.70
N GLN E 9 1.08 -0.28 4.00
CA GLN E 9 0.29 -1.31 4.66
C GLN E 9 -1.18 -0.94 4.59
N THR E 10 -1.99 -1.89 4.11
CA THR E 10 -3.41 -1.66 3.93
C THR E 10 -4.17 -2.91 4.39
N GLU E 11 -5.34 -2.69 4.98
CA GLU E 11 -6.16 -3.82 5.35
C GLU E 11 -6.68 -4.52 4.11
N CYS E 12 -6.64 -5.84 4.13
CA CYS E 12 -7.10 -6.62 3.00
C CYS E 12 -8.61 -6.39 2.82
N PRO E 13 -9.11 -6.30 1.58
CA PRO E 13 -10.53 -6.02 1.40
C PRO E 13 -11.41 -7.15 1.92
N SER E 14 -12.50 -6.77 2.56
CA SER E 14 -13.43 -7.76 3.12
C SER E 14 -14.29 -8.40 2.04
N SER E 15 -14.73 -7.60 1.06
CA SER E 15 -15.61 -8.08 0.01
C SER E 15 -15.09 -7.62 -1.34
N VAL E 16 -15.61 -8.25 -2.40
CA VAL E 16 -15.27 -7.84 -3.75
C VAL E 16 -15.63 -6.39 -3.98
N HIS E 17 -16.73 -5.91 -3.39
CA HIS E 17 -17.11 -4.51 -3.55
C HIS E 17 -16.06 -3.58 -2.96
N ASP E 18 -15.46 -3.97 -1.82
CA ASP E 18 -14.41 -3.15 -1.21
C ASP E 18 -13.25 -2.98 -2.17
N LEU E 19 -12.71 -4.10 -2.70
CA LEU E 19 -11.58 -4.03 -3.60
C LEU E 19 -11.89 -3.17 -4.83
N VAL E 20 -13.13 -3.18 -5.30
CA VAL E 20 -13.52 -2.35 -6.44
C VAL E 20 -13.41 -0.87 -6.08
N SER E 21 -14.06 -0.47 -4.99
CA SER E 21 -14.07 0.94 -4.61
C SER E 21 -12.71 1.38 -4.08
N CYS E 22 -12.13 0.58 -3.16
CA CYS E 22 -10.93 1.02 -2.46
C CYS E 22 -9.71 1.02 -3.37
N TRP E 23 -9.38 -0.14 -3.95
CA TRP E 23 -8.17 -0.23 -4.76
C TRP E 23 -8.38 0.24 -6.19
N GLY E 24 -9.57 0.02 -6.75
CA GLY E 24 -9.88 0.41 -8.11
C GLY E 24 -9.67 1.89 -8.36
N THR E 33 -16.53 7.16 -22.58
CA THR E 33 -17.68 6.26 -22.59
C THR E 33 -17.24 4.82 -22.86
N ASP E 34 -18.04 3.89 -22.35
CA ASP E 34 -17.77 2.47 -22.50
C ASP E 34 -17.53 2.11 -23.96
N SER E 35 -16.54 1.24 -24.20
CA SER E 35 -16.10 0.90 -25.54
C SER E 35 -16.73 -0.39 -26.08
N GLY E 36 -17.55 -1.07 -25.29
CA GLY E 36 -18.24 -2.25 -25.79
C GLY E 36 -19.27 -1.87 -26.83
N LEU E 37 -20.04 -2.87 -27.26
CA LEU E 37 -21.22 -2.60 -28.07
C LEU E 37 -22.43 -3.46 -27.72
N GLU E 38 -22.31 -4.47 -26.86
CA GLU E 38 -23.49 -5.17 -26.38
C GLU E 38 -23.18 -5.92 -25.10
N LYS E 39 -24.17 -5.96 -24.20
CA LYS E 39 -24.12 -6.70 -22.95
C LYS E 39 -25.20 -7.77 -22.96
N ARG E 40 -24.86 -8.96 -22.46
CA ARG E 40 -25.78 -10.09 -22.46
C ARG E 40 -25.77 -10.76 -21.09
N PHE E 41 -26.95 -11.08 -20.57
CA PHE E 41 -27.09 -11.67 -19.24
C PHE E 41 -28.08 -12.83 -19.35
N GLU E 42 -27.64 -14.02 -18.92
CA GLU E 42 -28.43 -15.24 -19.06
C GLU E 42 -28.45 -16.01 -17.75
N LEU E 43 -29.61 -16.61 -17.45
CA LEU E 43 -29.79 -17.51 -16.32
C LEU E 43 -30.42 -18.81 -16.80
N ASN E 44 -29.90 -19.94 -16.31
CA ASN E 44 -30.55 -21.23 -16.49
C ASN E 44 -31.02 -21.74 -15.13
N PHE E 45 -31.96 -22.67 -15.16
CA PHE E 45 -32.66 -23.12 -13.97
C PHE E 45 -32.41 -24.61 -13.71
N ALA E 46 -32.34 -24.96 -12.43
CA ALA E 46 -32.20 -26.36 -12.06
C ALA E 46 -33.38 -27.20 -12.55
N GLN E 47 -34.54 -26.57 -12.71
CA GLN E 47 -35.73 -27.23 -13.21
C GLN E 47 -36.42 -26.26 -14.18
N PRO E 48 -37.03 -26.78 -15.25
CA PRO E 48 -37.81 -25.88 -16.11
C PRO E 48 -38.93 -25.25 -15.32
N VAL E 49 -39.29 -24.02 -15.68
CA VAL E 49 -40.29 -23.27 -14.93
C VAL E 49 -41.45 -22.92 -15.85
N ASP E 50 -42.64 -22.82 -15.24
CA ASP E 50 -43.83 -22.43 -15.98
C ASP E 50 -43.63 -21.08 -16.65
N ILE E 51 -44.04 -20.99 -17.91
CA ILE E 51 -43.85 -19.76 -18.66
C ILE E 51 -44.59 -18.61 -18.01
N GLY E 52 -45.72 -18.88 -17.38
CA GLY E 52 -46.55 -17.85 -16.80
C GLY E 52 -46.34 -17.59 -15.32
N THR E 53 -45.44 -18.33 -14.66
CA THR E 53 -45.22 -18.11 -13.24
C THR E 53 -44.63 -16.73 -13.00
N VAL E 54 -43.66 -16.32 -13.80
CA VAL E 54 -43.02 -15.02 -13.66
C VAL E 54 -43.78 -14.04 -14.56
N THR E 55 -44.67 -13.25 -13.95
CA THR E 55 -45.45 -12.31 -14.72
C THR E 55 -44.55 -11.27 -15.36
N VAL E 56 -45.09 -10.57 -16.36
CA VAL E 56 -44.35 -9.50 -17.02
C VAL E 56 -44.08 -8.36 -16.04
N LYS E 57 -45.10 -7.98 -15.26
CA LYS E 57 -44.93 -6.94 -14.25
C LYS E 57 -43.62 -7.14 -13.49
N GLN E 58 -43.34 -8.38 -13.09
CA GLN E 58 -42.18 -8.64 -12.24
C GLN E 58 -40.89 -8.53 -13.03
N LEU E 59 -40.87 -9.01 -14.29
CA LEU E 59 -39.69 -8.85 -15.12
C LEU E 59 -39.46 -7.39 -15.49
N ALA E 60 -40.54 -6.62 -15.66
CA ALA E 60 -40.39 -5.21 -16.02
C ALA E 60 -39.80 -4.40 -14.88
N SER E 61 -40.17 -4.70 -13.63
CA SER E 61 -39.61 -3.97 -12.51
C SER E 61 -38.14 -4.28 -12.31
N VAL E 62 -37.72 -5.51 -12.65
CA VAL E 62 -36.31 -5.88 -12.50
C VAL E 62 -35.45 -5.07 -13.45
N MET E 63 -35.96 -4.77 -14.64
CA MET E 63 -35.20 -3.98 -15.60
C MET E 63 -35.29 -2.48 -15.34
N GLU E 64 -36.28 -2.03 -14.56
CA GLU E 64 -36.27 -0.64 -14.12
C GLU E 64 -35.00 -0.31 -13.35
N ARG E 65 -34.39 -1.31 -12.70
CA ARG E 65 -33.17 -1.10 -11.94
C ARG E 65 -31.96 -0.81 -12.81
N ALA E 66 -32.06 -1.03 -14.13
CA ALA E 66 -31.00 -0.67 -15.05
C ALA E 66 -31.41 0.49 -15.96
N GLY E 67 -32.51 1.18 -15.63
CA GLY E 67 -32.92 2.35 -16.39
C GLY E 67 -33.68 2.03 -17.64
N GLU E 68 -34.38 0.90 -17.69
CA GLU E 68 -35.12 0.47 -18.87
C GLU E 68 -36.60 0.42 -18.56
N SER E 69 -37.41 1.04 -19.42
CA SER E 69 -38.86 1.06 -19.28
C SER E 69 -39.48 0.16 -20.34
N LEU E 70 -40.40 -0.69 -19.92
CA LEU E 70 -41.03 -1.64 -20.83
C LEU E 70 -41.87 -0.91 -21.88
N ARG E 71 -41.71 -1.29 -23.15
CA ARG E 71 -42.38 -0.63 -24.26
C ARG E 71 -43.30 -1.55 -25.06
N GLN E 72 -42.90 -2.79 -25.27
CA GLN E 72 -43.71 -3.73 -26.04
C GLN E 72 -43.42 -5.14 -25.54
N ASN E 73 -44.47 -5.96 -25.47
CA ASN E 73 -44.32 -7.35 -25.04
C ASN E 73 -45.13 -8.26 -25.96
N SER E 74 -44.55 -9.41 -26.27
CA SER E 74 -45.14 -10.39 -27.19
C SER E 74 -45.19 -11.74 -26.50
N ALA E 75 -46.33 -12.42 -26.61
CA ALA E 75 -46.52 -13.74 -26.03
C ALA E 75 -46.59 -14.76 -27.16
N GLU E 76 -45.71 -15.75 -27.10
CA GLU E 76 -45.62 -16.78 -28.13
C GLU E 76 -45.54 -18.15 -27.44
N LEU E 77 -45.52 -19.20 -28.26
CA LEU E 77 -45.53 -20.56 -27.73
C LEU E 77 -44.15 -20.90 -27.19
N GLY E 78 -44.05 -21.05 -25.88
CA GLY E 78 -42.80 -21.34 -25.22
C GLY E 78 -41.89 -20.15 -25.02
N ILE E 79 -42.33 -18.94 -25.39
CA ILE E 79 -41.48 -17.75 -25.29
C ILE E 79 -42.31 -16.59 -24.78
N HIS E 80 -41.66 -15.74 -23.99
CA HIS E 80 -42.17 -14.42 -23.63
C HIS E 80 -41.11 -13.41 -24.03
N THR E 81 -41.52 -12.39 -24.76
CA THR E 81 -40.60 -11.38 -25.27
C THR E 81 -40.94 -10.03 -24.66
N LEU E 82 -39.92 -9.36 -24.12
CA LEU E 82 -40.05 -8.01 -23.60
C LEU E 82 -39.12 -7.10 -24.38
N LYS E 83 -39.67 -6.03 -24.92
CA LYS E 83 -38.91 -5.06 -25.70
C LYS E 83 -38.82 -3.76 -24.90
N PHE E 84 -37.62 -3.43 -24.46
CA PHE E 84 -37.35 -2.17 -23.78
C PHE E 84 -36.69 -1.20 -24.76
N ASP E 85 -36.33 -0.03 -24.27
CA ASP E 85 -35.67 0.96 -25.10
C ASP E 85 -34.39 0.39 -25.72
N ARG E 86 -33.43 0.01 -24.89
CA ARG E 86 -32.09 -0.38 -25.33
C ARG E 86 -31.77 -1.84 -25.03
N SER E 87 -32.76 -2.66 -24.69
CA SER E 87 -32.50 -4.03 -24.28
C SER E 87 -33.66 -4.92 -24.71
N LEU E 88 -33.35 -6.20 -24.94
CA LEU E 88 -34.32 -7.18 -25.41
C LEU E 88 -34.24 -8.41 -24.51
N LEU E 89 -35.37 -8.80 -23.93
CA LEU E 89 -35.42 -9.90 -22.98
C LEU E 89 -36.27 -11.03 -23.55
N VAL E 90 -35.68 -12.24 -23.57
CA VAL E 90 -36.40 -13.46 -23.93
C VAL E 90 -36.53 -14.32 -22.68
N PHE E 91 -37.71 -14.90 -22.48
CA PHE E 91 -37.98 -15.75 -21.33
C PHE E 91 -38.66 -17.03 -21.81
N THR E 92 -37.94 -18.14 -21.75
CA THR E 92 -38.49 -19.46 -22.02
C THR E 92 -38.55 -20.24 -20.71
N ALA E 93 -38.87 -21.53 -20.82
CA ALA E 93 -38.91 -22.39 -19.64
C ALA E 93 -37.52 -22.82 -19.19
N LYS E 94 -36.52 -22.72 -20.07
CA LYS E 94 -35.16 -23.15 -19.75
C LYS E 94 -34.26 -22.02 -19.29
N GLN E 95 -34.53 -20.79 -19.70
CA GLN E 95 -33.54 -19.73 -19.52
C GLN E 95 -34.23 -18.37 -19.58
N ILE E 96 -33.63 -17.40 -18.90
CA ILE E 96 -33.89 -15.99 -19.13
C ILE E 96 -32.63 -15.40 -19.76
N VAL E 97 -32.80 -14.70 -20.87
CA VAL E 97 -31.68 -14.10 -21.59
C VAL E 97 -32.06 -12.68 -21.96
N VAL E 98 -31.24 -11.72 -21.55
CA VAL E 98 -31.48 -10.31 -21.84
C VAL E 98 -30.19 -9.72 -22.43
N ARG E 99 -30.31 -9.10 -23.60
CA ARG E 99 -29.21 -8.42 -24.26
C ARG E 99 -29.50 -6.92 -24.30
N SER E 100 -28.45 -6.12 -24.30
CA SER E 100 -28.66 -4.68 -24.18
C SER E 100 -27.43 -3.93 -24.68
N SER E 101 -27.66 -2.67 -25.06
CA SER E 101 -26.61 -1.78 -25.52
C SER E 101 -25.77 -1.28 -24.35
N VAL E 102 -24.59 -0.76 -24.68
CA VAL E 102 -23.60 -0.42 -23.65
C VAL E 102 -24.17 0.57 -22.65
N SER E 103 -24.94 1.56 -23.14
CA SER E 103 -25.46 2.58 -22.25
C SER E 103 -26.26 1.98 -21.09
N VAL E 104 -26.73 0.75 -21.24
CA VAL E 104 -27.50 0.10 -20.20
C VAL E 104 -26.57 -0.46 -19.14
N MET E 105 -26.80 -0.09 -17.88
CA MET E 105 -26.07 -0.66 -16.76
C MET E 105 -26.77 -1.96 -16.38
N LEU E 106 -26.37 -3.05 -17.05
CA LEU E 106 -27.07 -4.31 -16.90
C LEU E 106 -26.69 -5.04 -15.61
N HIS E 107 -25.50 -4.79 -15.08
CA HIS E 107 -25.11 -5.42 -13.83
C HIS E 107 -26.01 -5.01 -12.68
N GLU E 108 -26.70 -3.87 -12.79
CA GLU E 108 -27.62 -3.45 -11.75
C GLU E 108 -28.84 -4.37 -11.66
N ALA E 109 -29.11 -5.15 -12.70
CA ALA E 109 -30.25 -6.07 -12.69
C ALA E 109 -29.88 -7.47 -12.23
N VAL E 110 -28.59 -7.81 -12.19
CA VAL E 110 -28.18 -9.17 -11.84
C VAL E 110 -28.80 -9.58 -10.50
N HIS E 111 -28.58 -8.78 -9.46
CA HIS E 111 -29.09 -9.15 -8.15
C HIS E 111 -30.62 -9.07 -8.10
N PRO E 112 -31.25 -7.97 -8.51
CA PRO E 112 -32.73 -7.94 -8.50
C PRO E 112 -33.36 -9.11 -9.23
N MET E 113 -32.72 -9.61 -10.29
CA MET E 113 -33.27 -10.76 -11.00
C MET E 113 -33.18 -12.02 -10.14
N LEU E 114 -32.01 -12.26 -9.53
CA LEU E 114 -31.88 -13.43 -8.66
C LEU E 114 -32.86 -13.38 -7.51
N GLU E 115 -33.06 -12.19 -6.94
CA GLU E 115 -34.05 -12.05 -5.86
C GLU E 115 -35.44 -12.45 -6.37
N LEU E 116 -35.78 -12.04 -7.59
CA LEU E 116 -37.05 -12.45 -8.18
C LEU E 116 -37.12 -13.96 -8.36
N MET E 117 -36.02 -14.58 -8.78
CA MET E 117 -35.99 -16.04 -8.90
C MET E 117 -36.25 -16.70 -7.55
N ARG E 118 -35.58 -16.22 -6.49
CA ARG E 118 -35.84 -16.74 -5.16
C ARG E 118 -37.29 -16.52 -4.76
N SER E 119 -37.88 -15.38 -5.17
CA SER E 119 -39.27 -15.12 -4.87
C SER E 119 -40.18 -16.25 -5.32
N HIS E 120 -39.84 -16.93 -6.40
CA HIS E 120 -40.65 -18.01 -6.96
C HIS E 120 -40.06 -19.39 -6.68
N ASN E 121 -39.13 -19.49 -5.73
CA ASN E 121 -38.51 -20.77 -5.38
C ASN E 121 -37.82 -21.38 -6.59
N ILE E 122 -37.35 -20.53 -7.51
CA ILE E 122 -36.63 -20.97 -8.71
C ILE E 122 -35.15 -21.01 -8.39
N ILE E 123 -34.53 -22.16 -8.58
CA ILE E 123 -33.10 -22.32 -8.38
C ILE E 123 -32.37 -22.00 -9.67
N VAL E 124 -31.40 -21.09 -9.60
CA VAL E 124 -30.50 -20.82 -10.70
C VAL E 124 -29.26 -21.68 -10.52
N ASP E 125 -29.02 -22.59 -11.46
CA ASP E 125 -27.86 -23.47 -11.41
C ASP E 125 -26.83 -23.16 -12.49
N TRP E 126 -27.07 -22.14 -13.31
CA TRP E 126 -26.09 -21.72 -14.30
C TRP E 126 -26.40 -20.29 -14.68
N ALA E 127 -25.36 -19.49 -14.89
CA ALA E 127 -25.52 -18.07 -15.17
C ALA E 127 -24.31 -17.57 -15.93
N SER E 128 -24.51 -16.55 -16.74
CA SER E 128 -23.42 -15.95 -17.49
C SER E 128 -23.68 -14.48 -17.72
N PHE E 129 -22.62 -13.68 -17.67
CA PHE E 129 -22.65 -12.28 -18.08
C PHE E 129 -21.58 -12.08 -19.13
N MET E 130 -21.98 -11.51 -20.27
CA MET E 130 -21.13 -11.45 -21.45
C MET E 130 -21.18 -10.06 -22.04
N ARG E 131 -20.03 -9.58 -22.50
CA ARG E 131 -19.95 -8.31 -23.22
C ARG E 131 -18.96 -8.45 -24.37
N VAL E 132 -19.31 -7.87 -25.51
CA VAL E 132 -18.47 -7.89 -26.69
C VAL E 132 -17.77 -6.54 -26.78
N ASN E 133 -16.45 -6.54 -26.60
CA ASN E 133 -15.67 -5.32 -26.57
C ASN E 133 -15.01 -5.09 -27.93
N TYR E 134 -15.14 -3.87 -28.44
CA TYR E 134 -14.44 -3.43 -29.65
C TYR E 134 -13.34 -2.44 -29.35
N GLY E 135 -13.07 -2.19 -28.07
CA GLY E 135 -11.93 -1.40 -27.67
C GLY E 135 -11.25 -2.06 -26.47
N SER E 136 -10.00 -1.68 -26.26
CA SER E 136 -9.24 -2.27 -25.16
C SER E 136 -9.73 -1.73 -23.81
N PRO E 137 -9.80 -2.58 -22.78
CA PRO E 137 -10.13 -2.09 -21.44
C PRO E 137 -8.97 -1.44 -20.71
N TRP E 138 -7.77 -1.48 -21.28
CA TRP E 138 -6.60 -0.87 -20.67
C TRP E 138 -6.37 0.55 -21.15
N ASP E 139 -7.32 1.11 -21.90
CA ASP E 139 -7.37 2.54 -22.18
C ASP E 139 -8.00 3.23 -20.97
N MET E 140 -7.19 3.98 -20.23
CA MET E 140 -7.66 4.61 -19.01
C MET E 140 -8.40 5.92 -19.27
N THR E 141 -8.59 6.28 -20.53
CA THR E 141 -9.42 7.40 -20.92
C THR E 141 -10.84 6.97 -21.28
N SER E 142 -11.18 5.71 -21.00
CA SER E 142 -12.47 5.13 -21.30
C SER E 142 -13.08 4.59 -20.01
N GLU E 143 -14.40 4.59 -19.95
CA GLU E 143 -15.10 4.02 -18.80
C GLU E 143 -15.10 2.50 -18.77
N THR E 144 -14.56 1.86 -19.82
CA THR E 144 -14.71 0.42 -19.96
C THR E 144 -14.27 -0.33 -18.72
N SER E 145 -13.08 0.02 -18.19
CA SER E 145 -12.55 -0.75 -17.07
C SER E 145 -13.36 -0.52 -15.79
N ASP E 146 -13.86 0.69 -15.59
CA ASP E 146 -14.63 0.96 -14.38
C ASP E 146 -15.93 0.16 -14.38
N ILE E 147 -16.62 0.09 -15.52
CA ILE E 147 -17.89 -0.63 -15.58
C ILE E 147 -17.64 -2.13 -15.46
N MET E 148 -16.55 -2.63 -16.06
CA MET E 148 -16.25 -4.04 -15.94
C MET E 148 -15.99 -4.43 -14.48
N ALA E 149 -15.34 -3.55 -13.74
CA ALA E 149 -15.11 -3.80 -12.31
C ALA E 149 -16.44 -3.86 -11.56
N HIS E 150 -17.36 -2.94 -11.87
CA HIS E 150 -18.68 -3.00 -11.25
C HIS E 150 -19.42 -4.27 -11.66
N GLU E 151 -19.48 -4.55 -12.97
CA GLU E 151 -20.06 -5.80 -13.43
C GLU E 151 -19.46 -6.99 -12.70
N TYR E 152 -18.13 -6.98 -12.51
CA TYR E 152 -17.49 -8.03 -11.74
C TYR E 152 -17.87 -7.98 -10.26
N ALA E 153 -18.26 -6.81 -9.75
CA ALA E 153 -18.67 -6.72 -8.36
C ALA E 153 -20.02 -7.41 -8.14
N GLU E 154 -21.04 -6.97 -8.87
CA GLU E 154 -22.37 -7.55 -8.71
C GLU E 154 -22.35 -9.04 -9.01
N LEU E 155 -21.57 -9.45 -10.01
CA LEU E 155 -21.55 -10.85 -10.42
C LEU E 155 -20.88 -11.73 -9.37
N LYS E 156 -19.61 -11.42 -9.05
CA LYS E 156 -18.91 -12.23 -8.05
C LYS E 156 -19.59 -12.15 -6.70
N SER E 157 -20.18 -10.99 -6.38
CA SER E 157 -21.00 -10.89 -5.18
C SER E 157 -22.14 -11.90 -5.21
N ALA E 158 -22.80 -12.02 -6.37
CA ALA E 158 -23.93 -12.95 -6.50
C ALA E 158 -23.46 -14.40 -6.62
N PHE E 159 -22.42 -14.66 -7.43
CA PHE E 159 -21.92 -16.01 -7.67
C PHE E 159 -20.46 -16.08 -7.25
N PRO E 160 -20.19 -16.24 -5.96
CA PRO E 160 -18.79 -16.39 -5.52
C PRO E 160 -18.02 -17.46 -6.27
N THR E 161 -18.65 -18.60 -6.59
CA THR E 161 -17.95 -19.67 -7.29
C THR E 161 -17.85 -19.43 -8.79
N GLY E 162 -18.45 -18.35 -9.29
CA GLY E 162 -18.25 -17.99 -10.69
C GLY E 162 -16.84 -17.52 -10.95
N HIS E 163 -16.54 -17.33 -12.24
CA HIS E 163 -15.21 -16.88 -12.66
C HIS E 163 -15.35 -16.08 -13.93
N PRO E 164 -14.50 -15.07 -14.14
CA PRO E 164 -14.47 -14.37 -15.43
C PRO E 164 -13.43 -14.94 -16.40
N TYR E 165 -13.69 -14.80 -17.69
CA TYR E 165 -12.77 -15.24 -18.73
C TYR E 165 -12.74 -14.20 -19.83
N LEU E 166 -11.59 -14.09 -20.51
CA LEU E 166 -11.44 -13.15 -21.62
C LEU E 166 -11.02 -13.94 -22.86
N ALA E 167 -11.87 -13.90 -23.90
CA ALA E 167 -11.67 -14.68 -25.11
C ALA E 167 -11.29 -13.73 -26.25
N GLY E 168 -10.05 -13.82 -26.71
CA GLY E 168 -9.59 -13.00 -27.80
C GLY E 168 -8.43 -12.12 -27.38
N PRO E 169 -7.80 -11.46 -28.36
CA PRO E 169 -6.75 -10.49 -28.01
C PRO E 169 -7.36 -9.32 -27.24
N VAL E 170 -6.74 -8.99 -26.11
CA VAL E 170 -7.27 -7.92 -25.27
C VAL E 170 -7.26 -6.60 -26.03
N ASP E 171 -6.34 -6.46 -27.00
CA ASP E 171 -6.24 -5.24 -27.79
C ASP E 171 -7.06 -5.29 -29.07
N ARG E 172 -7.85 -6.35 -29.28
CA ARG E 172 -8.67 -6.47 -30.48
C ARG E 172 -10.11 -6.77 -30.09
N ASP E 173 -10.94 -7.12 -31.06
CA ASP E 173 -12.29 -7.58 -30.74
C ASP E 173 -12.19 -8.82 -29.86
N HIS E 174 -12.97 -8.83 -28.78
CA HIS E 174 -12.93 -9.96 -27.87
C HIS E 174 -14.21 -9.99 -27.06
N CYS E 175 -14.40 -11.11 -26.36
CA CYS E 175 -15.52 -11.28 -25.44
C CYS E 175 -14.99 -11.42 -24.03
N PHE E 176 -15.74 -10.89 -23.08
CA PHE E 176 -15.44 -11.00 -21.67
C PHE E 176 -16.61 -11.72 -21.01
N TYR E 177 -16.44 -13.02 -20.77
CA TYR E 177 -17.47 -13.83 -20.12
C TYR E 177 -17.29 -13.80 -18.61
N PHE E 178 -18.39 -14.08 -17.90
CA PHE E 178 -18.37 -14.52 -16.51
C PHE E 178 -19.35 -15.68 -16.43
N VAL E 179 -18.91 -16.82 -15.90
CA VAL E 179 -19.73 -18.03 -15.93
C VAL E 179 -19.80 -18.61 -14.52
N TYR E 180 -21.01 -18.70 -13.98
CA TYR E 180 -21.29 -19.46 -12.77
C TYR E 180 -21.89 -20.80 -13.16
N ASP E 181 -21.32 -21.88 -12.64
CA ASP E 181 -21.74 -23.24 -12.99
C ASP E 181 -22.02 -24.00 -11.71
N GLY E 182 -23.29 -24.06 -11.31
CA GLY E 182 -23.71 -24.86 -10.19
C GLY E 182 -24.58 -26.03 -10.59
N ILE E 183 -24.46 -26.47 -11.84
CA ILE E 183 -25.29 -27.55 -12.37
C ILE E 183 -25.01 -28.82 -11.60
N ASP E 184 -26.07 -29.42 -11.05
CA ASP E 184 -25.97 -30.69 -10.34
C ASP E 184 -25.78 -31.82 -11.34
N ARG E 185 -24.60 -32.44 -11.33
CA ARG E 185 -24.25 -33.49 -12.28
C ARG E 185 -24.12 -34.86 -11.63
N ASP E 186 -24.75 -35.07 -10.48
CA ASP E 186 -24.75 -36.40 -9.90
C ASP E 186 -25.44 -37.37 -10.87
N PRO E 187 -24.97 -38.62 -10.95
CA PRO E 187 -25.59 -39.57 -11.90
C PRO E 187 -27.09 -39.70 -11.70
N SER E 188 -27.57 -39.41 -10.50
CA SER E 188 -29.00 -39.43 -10.23
C SER E 188 -29.71 -38.18 -10.71
N SER E 189 -28.96 -37.11 -11.01
CA SER E 189 -29.58 -35.87 -11.47
C SER E 189 -30.08 -36.00 -12.89
N CYS E 190 -31.23 -35.40 -13.17
CA CYS E 190 -31.85 -35.45 -14.49
C CYS E 190 -31.66 -34.16 -15.29
N ARG E 191 -30.87 -33.22 -14.77
CA ARG E 191 -30.55 -32.03 -15.53
C ARG E 191 -29.85 -32.40 -16.84
N ARG E 192 -30.31 -31.82 -17.94
CA ARG E 192 -29.79 -32.13 -19.26
C ARG E 192 -29.12 -30.89 -19.83
N GLU E 193 -28.08 -31.11 -20.64
CA GLU E 193 -27.29 -30.02 -21.20
C GLU E 193 -27.17 -30.22 -22.72
N ASN E 194 -28.28 -30.00 -23.41
CA ASN E 194 -28.33 -30.07 -24.87
C ASN E 194 -28.63 -28.70 -25.47
N ASP E 195 -28.26 -27.64 -24.76
CA ASP E 195 -28.57 -26.28 -25.19
C ASP E 195 -27.77 -25.90 -26.44
N VAL E 196 -28.33 -24.95 -27.20
CA VAL E 196 -27.67 -24.36 -28.35
C VAL E 196 -27.56 -22.85 -28.14
N GLN E 197 -26.41 -22.29 -28.46
CA GLN E 197 -26.22 -20.85 -28.43
C GLN E 197 -25.26 -20.47 -29.53
N ILE E 198 -25.72 -19.65 -30.47
CA ILE E 198 -24.92 -19.17 -31.59
C ILE E 198 -25.08 -17.67 -31.66
N ASN E 199 -23.96 -16.94 -31.57
CA ASN E 199 -23.97 -15.49 -31.58
C ASN E 199 -23.14 -14.97 -32.75
N VAL E 200 -23.70 -14.08 -33.55
CA VAL E 200 -23.02 -13.45 -34.67
C VAL E 200 -22.95 -11.95 -34.37
N TYR E 201 -21.74 -11.44 -34.18
CA TYR E 201 -21.53 -10.03 -33.89
C TYR E 201 -20.90 -9.35 -35.10
N MET E 202 -21.62 -8.40 -35.67
CA MET E 202 -21.24 -7.76 -36.93
C MET E 202 -21.01 -6.28 -36.68
N TYR E 203 -19.80 -5.82 -36.97
CA TYR E 203 -19.38 -4.45 -36.67
C TYR E 203 -19.33 -3.62 -37.95
N ASN E 204 -19.83 -2.39 -37.86
CA ASN E 204 -19.79 -1.43 -38.97
C ASN E 204 -20.52 -1.99 -40.19
N VAL E 205 -21.76 -2.45 -39.97
CA VAL E 205 -22.59 -2.97 -41.05
C VAL E 205 -23.21 -1.81 -41.81
N GLN E 206 -23.80 -2.11 -42.96
CA GLN E 206 -24.49 -1.10 -43.76
C GLN E 206 -25.96 -1.00 -43.35
N GLU E 219 -32.54 1.68 -34.89
CA GLU E 219 -32.40 0.88 -33.69
C GLU E 219 -33.50 -0.18 -33.62
N GLN E 220 -33.28 -1.31 -34.29
CA GLN E 220 -34.28 -2.37 -34.39
C GLN E 220 -34.00 -3.47 -33.38
N GLN E 221 -35.08 -3.98 -32.77
CA GLN E 221 -35.04 -5.15 -31.91
C GLN E 221 -36.19 -6.05 -32.29
N LEU E 222 -35.88 -7.26 -32.74
CA LEU E 222 -36.93 -8.17 -33.19
C LEU E 222 -36.55 -9.61 -32.92
N LEU E 223 -37.56 -10.42 -32.65
CA LEU E 223 -37.40 -11.84 -32.38
C LEU E 223 -38.23 -12.63 -33.38
N VAL E 224 -37.69 -13.78 -33.78
CA VAL E 224 -38.37 -14.72 -34.66
C VAL E 224 -38.22 -16.11 -34.06
N SER E 225 -39.27 -16.91 -34.16
CA SER E 225 -39.26 -18.26 -33.58
C SER E 225 -40.13 -19.18 -34.43
N HIS E 226 -39.63 -20.39 -34.67
CA HIS E 226 -40.38 -21.41 -35.39
C HIS E 226 -40.91 -22.52 -34.49
N CYS E 227 -40.09 -23.01 -33.57
CA CYS E 227 -40.53 -24.02 -32.61
C CYS E 227 -40.84 -23.36 -31.27
N ALA E 228 -41.29 -24.18 -30.33
CA ALA E 228 -41.63 -23.70 -29.00
C ALA E 228 -40.37 -23.59 -28.16
N GLY E 229 -40.16 -22.41 -27.56
CA GLY E 229 -38.99 -22.19 -26.74
C GLY E 229 -37.69 -22.05 -27.52
N GLU E 230 -37.74 -22.04 -28.84
CA GLU E 230 -36.58 -21.79 -29.68
C GLU E 230 -36.82 -20.51 -30.47
N TYR E 231 -35.75 -19.71 -30.62
CA TYR E 231 -35.91 -18.37 -31.15
C TYR E 231 -34.67 -17.98 -31.95
N GLU E 232 -34.83 -16.92 -32.75
CA GLU E 232 -33.73 -16.19 -33.35
C GLU E 232 -33.98 -14.72 -33.10
N THR E 233 -33.03 -14.05 -32.46
CA THR E 233 -33.15 -12.63 -32.18
C THR E 233 -32.10 -11.85 -32.96
N LEU E 234 -32.48 -10.64 -33.36
CA LEU E 234 -31.59 -9.77 -34.12
C LEU E 234 -31.73 -8.35 -33.58
N ARG E 235 -30.61 -7.70 -33.29
CA ARG E 235 -30.60 -6.35 -32.75
C ARG E 235 -29.69 -5.48 -33.60
N VAL E 236 -30.17 -4.29 -33.94
CA VAL E 236 -29.39 -3.29 -34.64
C VAL E 236 -29.51 -1.98 -33.88
N SER E 237 -28.38 -1.28 -33.72
CA SER E 237 -28.35 0.00 -33.04
C SER E 237 -27.66 1.03 -33.92
N THR E 238 -28.25 2.21 -34.00
CA THR E 238 -27.72 3.29 -34.82
C THR E 238 -27.72 4.60 -34.04
N THR E 242 -21.05 4.00 -31.99
CA THR E 242 -21.01 5.14 -32.91
C THR E 242 -21.27 4.68 -34.35
N HIS E 243 -20.77 3.49 -34.66
CA HIS E 243 -20.97 2.89 -35.97
C HIS E 243 -22.17 1.95 -35.95
N PRO E 244 -22.72 1.63 -37.13
CA PRO E 244 -23.82 0.66 -37.17
C PRO E 244 -23.37 -0.68 -36.60
N PHE E 245 -24.28 -1.33 -35.87
CA PHE E 245 -23.97 -2.57 -35.18
C PHE E 245 -25.14 -3.55 -35.34
N ALA E 246 -24.81 -4.81 -35.62
CA ALA E 246 -25.82 -5.85 -35.83
C ALA E 246 -25.44 -7.07 -34.99
N SER E 247 -26.36 -7.51 -34.14
CA SER E 247 -26.13 -8.62 -33.22
C SER E 247 -27.19 -9.68 -33.44
N PHE E 248 -26.77 -10.90 -33.74
CA PHE E 248 -27.67 -12.02 -34.01
C PHE E 248 -27.41 -13.15 -33.03
N GLU E 249 -28.50 -13.78 -32.57
CA GLU E 249 -28.40 -14.90 -31.65
C GLU E 249 -29.54 -15.87 -31.92
N THR E 250 -29.27 -17.16 -31.77
CA THR E 250 -30.31 -18.18 -31.91
C THR E 250 -29.96 -19.38 -31.06
N ASN E 251 -30.99 -19.98 -30.45
CA ASN E 251 -30.86 -21.21 -29.69
C ASN E 251 -31.54 -22.39 -30.38
N ALA E 252 -31.90 -22.24 -31.65
CA ALA E 252 -32.66 -23.26 -32.36
C ALA E 252 -31.78 -24.46 -32.71
N VAL E 253 -32.23 -25.66 -32.33
CA VAL E 253 -31.46 -26.86 -32.60
C VAL E 253 -31.23 -27.02 -34.10
N SER E 254 -32.24 -26.73 -34.91
CA SER E 254 -32.12 -26.86 -36.36
C SER E 254 -30.98 -26.00 -36.89
N ALA E 255 -30.76 -24.83 -36.26
CA ALA E 255 -29.78 -23.88 -36.74
C ALA E 255 -28.35 -24.33 -36.47
N ALA E 256 -28.14 -25.26 -35.54
CA ALA E 256 -26.77 -25.70 -35.23
C ALA E 256 -26.11 -26.33 -36.46
N SER E 257 -26.85 -27.16 -37.19
CA SER E 257 -26.29 -27.85 -38.34
C SER E 257 -25.89 -26.88 -39.45
N ASP E 258 -26.76 -25.93 -39.77
CA ASP E 258 -26.55 -25.03 -40.91
C ASP E 258 -26.00 -23.68 -40.48
N ILE E 259 -25.14 -23.66 -39.46
CA ILE E 259 -24.54 -22.41 -38.99
C ILE E 259 -23.93 -21.64 -40.16
N THR E 260 -23.21 -22.34 -41.04
CA THR E 260 -22.50 -21.66 -42.12
C THR E 260 -23.46 -20.91 -43.04
N LYS E 261 -24.58 -21.53 -43.38
CA LYS E 261 -25.54 -20.87 -44.24
C LYS E 261 -26.11 -19.62 -43.58
N ILE E 262 -26.32 -19.66 -42.27
CA ILE E 262 -26.91 -18.52 -41.58
C ILE E 262 -25.93 -17.35 -41.55
N VAL E 263 -24.67 -17.61 -41.16
CA VAL E 263 -23.69 -16.54 -41.15
C VAL E 263 -23.53 -15.95 -42.54
N ASN E 264 -23.42 -16.82 -43.56
CA ASN E 264 -23.28 -16.35 -44.92
C ASN E 264 -24.44 -15.42 -45.31
N GLY E 265 -25.67 -15.82 -44.97
CA GLY E 265 -26.80 -14.96 -45.24
C GLY E 265 -26.71 -13.65 -44.48
N LEU E 266 -26.25 -13.70 -43.24
CA LEU E 266 -26.13 -12.49 -42.44
C LEU E 266 -25.09 -11.54 -43.03
N LEU E 267 -23.94 -12.06 -43.45
CA LEU E 267 -22.89 -11.20 -43.99
C LEU E 267 -23.32 -10.57 -45.31
N LYS E 268 -24.01 -11.33 -46.16
CA LYS E 268 -24.55 -10.75 -47.38
C LYS E 268 -25.58 -9.68 -47.07
N LYS E 269 -26.48 -9.96 -46.13
CA LYS E 269 -27.48 -8.98 -45.73
C LYS E 269 -26.83 -7.69 -45.26
N PHE E 270 -25.82 -7.80 -44.39
CA PHE E 270 -25.26 -6.63 -43.71
C PHE E 270 -23.93 -6.18 -44.28
N TYR E 271 -23.11 -7.10 -44.80
CA TYR E 271 -21.80 -6.76 -45.32
C TYR E 271 -20.98 -6.05 -44.26
N PRO E 272 -20.64 -6.73 -43.17
CA PRO E 272 -19.90 -6.09 -42.07
C PRO E 272 -18.41 -5.94 -42.39
N GLU E 273 -17.75 -5.12 -41.58
CA GLU E 273 -16.30 -4.94 -41.64
C GLU E 273 -15.57 -5.97 -40.79
N ARG E 274 -16.13 -6.35 -39.64
CA ARG E 274 -15.51 -7.33 -38.76
C ARG E 274 -16.60 -8.18 -38.13
N VAL E 275 -16.38 -9.50 -38.13
CA VAL E 275 -17.35 -10.45 -37.60
C VAL E 275 -16.72 -11.19 -36.42
N LEU E 276 -17.56 -11.54 -35.46
CA LEU E 276 -17.15 -12.29 -34.27
C LEU E 276 -18.20 -13.34 -33.98
N LEU E 277 -17.80 -14.62 -34.01
CA LEU E 277 -18.72 -15.73 -33.79
C LEU E 277 -18.47 -16.36 -32.43
N VAL E 278 -19.55 -16.73 -31.76
CA VAL E 278 -19.50 -17.52 -30.53
C VAL E 278 -20.43 -18.72 -30.72
N LEU E 279 -19.86 -19.92 -30.67
CA LEU E 279 -20.60 -21.14 -30.92
C LEU E 279 -20.56 -22.02 -29.67
N LEU E 280 -21.73 -22.28 -29.09
CA LEU E 280 -21.82 -23.14 -27.92
C LEU E 280 -21.88 -24.60 -28.35
N GLN E 281 -21.00 -25.40 -27.75
CA GLN E 281 -21.00 -26.86 -27.89
C GLN E 281 -21.28 -27.43 -26.51
N ASP E 282 -22.54 -27.78 -26.24
CA ASP E 282 -22.91 -28.17 -24.89
C ASP E 282 -22.33 -29.54 -24.54
N ARG E 283 -22.39 -29.87 -23.25
CA ARG E 283 -21.88 -31.14 -22.75
C ARG E 283 -22.38 -32.31 -23.61
N ASP E 284 -23.69 -32.38 -23.82
CA ASP E 284 -24.28 -33.42 -24.66
C ASP E 284 -24.26 -32.94 -26.11
N ALA E 285 -23.20 -33.33 -26.83
CA ALA E 285 -23.02 -32.91 -28.21
C ALA E 285 -21.74 -33.51 -28.79
N MET E 294 -17.34 -20.98 -39.54
CA MET E 294 -16.57 -22.14 -39.11
C MET E 294 -15.09 -21.80 -39.00
N ASP E 295 -14.29 -22.32 -39.94
CA ASP E 295 -12.86 -22.04 -39.98
C ASP E 295 -12.49 -20.97 -41.01
N ARG E 296 -13.28 -20.82 -42.07
CA ARG E 296 -13.03 -19.80 -43.07
C ARG E 296 -14.34 -19.16 -43.50
N LEU E 297 -14.32 -17.84 -43.66
CA LEU E 297 -15.46 -17.10 -44.17
C LEU E 297 -15.10 -16.42 -45.48
N GLU E 298 -16.03 -16.48 -46.43
CA GLU E 298 -15.79 -15.94 -47.76
C GLU E 298 -15.50 -14.45 -47.68
N GLY E 299 -14.32 -14.05 -48.14
CA GLY E 299 -13.96 -12.65 -48.09
C GLY E 299 -13.56 -12.13 -46.73
N PHE E 300 -13.22 -13.03 -45.80
CA PHE E 300 -12.77 -12.64 -44.48
C PHE E 300 -11.55 -13.46 -44.08
N THR E 301 -10.63 -12.82 -43.37
CA THR E 301 -9.43 -13.47 -42.85
C THR E 301 -9.54 -13.64 -41.35
N VAL E 302 -9.06 -14.78 -40.85
CA VAL E 302 -9.15 -15.09 -39.43
C VAL E 302 -8.17 -14.20 -38.67
N VAL E 303 -8.69 -13.26 -37.88
CA VAL E 303 -7.84 -12.52 -36.95
C VAL E 303 -7.39 -13.44 -35.82
N HIS E 304 -8.33 -14.07 -35.13
CA HIS E 304 -8.01 -14.91 -34.00
C HIS E 304 -9.09 -15.96 -33.78
N ARG E 305 -8.69 -17.12 -33.27
CA ARG E 305 -9.57 -18.27 -33.11
C ARG E 305 -9.16 -19.04 -31.85
N GLY E 306 -10.13 -19.31 -30.98
CA GLY E 306 -9.85 -20.00 -29.73
C GLY E 306 -11.11 -20.57 -29.12
N ALA E 307 -10.93 -21.37 -28.06
CA ALA E 307 -12.04 -22.02 -27.39
C ALA E 307 -11.77 -22.14 -25.90
N ASN E 308 -12.85 -22.17 -25.12
CA ASN E 308 -12.80 -22.32 -23.66
C ASN E 308 -13.58 -23.58 -23.29
N HIS E 309 -12.89 -24.69 -23.03
CA HIS E 309 -13.54 -25.88 -22.52
C HIS E 309 -13.73 -25.74 -21.01
N PHE E 310 -14.98 -25.75 -20.57
CA PHE E 310 -15.29 -25.62 -19.15
C PHE E 310 -15.31 -26.99 -18.49
N GLY E 311 -14.79 -27.04 -17.25
CA GLY E 311 -14.78 -28.29 -16.51
C GLY E 311 -16.11 -29.01 -16.57
N GLY E 312 -17.21 -28.26 -16.55
CA GLY E 312 -18.54 -28.85 -16.63
C GLY E 312 -18.79 -29.66 -17.88
N GLY E 313 -17.89 -29.60 -18.86
CA GLY E 313 -17.97 -30.43 -20.06
C GLY E 313 -18.29 -29.68 -21.33
N TYR E 314 -18.79 -28.45 -21.23
CA TYR E 314 -19.16 -27.68 -22.39
C TYR E 314 -17.99 -26.81 -22.85
N VAL E 315 -18.10 -26.30 -24.08
CA VAL E 315 -17.03 -25.52 -24.70
C VAL E 315 -17.65 -24.32 -25.40
N PHE E 316 -16.98 -23.17 -25.30
CA PHE E 316 -17.40 -21.95 -25.97
C PHE E 316 -16.38 -21.61 -27.06
N HIS E 317 -16.77 -21.79 -28.32
CA HIS E 317 -15.90 -21.54 -29.45
C HIS E 317 -16.05 -20.09 -29.91
N GLN E 318 -14.92 -19.42 -30.15
CA GLN E 318 -14.93 -18.06 -30.64
C GLN E 318 -13.95 -17.90 -31.78
N ALA E 319 -14.27 -16.99 -32.70
CA ALA E 319 -13.40 -16.66 -33.81
C ALA E 319 -13.65 -15.21 -34.21
N THR E 320 -12.56 -14.47 -34.45
CA THR E 320 -12.62 -13.08 -34.89
C THR E 320 -12.24 -13.02 -36.36
N TYR E 321 -12.93 -12.17 -37.11
CA TYR E 321 -12.70 -12.04 -38.54
C TYR E 321 -12.61 -10.58 -38.93
N ALA E 322 -11.90 -10.33 -40.03
CA ALA E 322 -11.77 -9.01 -40.63
C ALA E 322 -12.03 -9.13 -42.13
N ARG E 323 -12.51 -8.04 -42.73
CA ARG E 323 -12.75 -8.05 -44.17
C ARG E 323 -11.45 -8.36 -44.90
N SER E 324 -11.52 -9.28 -45.88
CA SER E 324 -10.30 -9.75 -46.53
C SER E 324 -9.59 -8.64 -47.28
N ALA E 325 -10.34 -7.69 -47.82
CA ALA E 325 -9.82 -6.57 -48.61
C ALA E 325 -8.39 -6.14 -48.26
N THR F 4 -4.28 -9.48 8.11
CA THR F 4 -5.22 -8.57 7.45
C THR F 4 -4.50 -7.31 6.98
N ARG F 5 -3.23 -7.43 6.58
CA ARG F 5 -2.43 -6.28 6.17
C ARG F 5 -1.47 -6.69 5.07
N ILE F 6 -1.62 -6.07 3.89
CA ILE F 6 -0.77 -6.36 2.74
C ILE F 6 -0.13 -5.05 2.29
N ASN F 7 0.90 -5.17 1.45
CA ASN F 7 1.64 -4.02 0.95
C ASN F 7 1.12 -3.64 -0.43
N GLN F 8 0.41 -2.51 -0.48
CA GLN F 8 -0.07 -1.93 -1.74
C GLN F 8 0.95 -0.91 -2.22
N GLN F 9 1.63 -1.20 -3.33
CA GLN F 9 2.49 -0.21 -3.95
C GLN F 9 1.63 0.95 -4.43
N THR F 10 1.73 2.11 -3.78
CA THR F 10 0.88 3.25 -4.08
C THR F 10 1.75 4.46 -4.38
N GLU F 11 1.16 5.40 -5.12
CA GLU F 11 1.83 6.66 -5.42
C GLU F 11 1.85 7.57 -4.20
N CYS F 12 2.88 8.42 -4.15
CA CYS F 12 2.93 9.48 -3.15
C CYS F 12 2.03 10.62 -3.57
N PRO F 13 1.20 11.17 -2.67
CA PRO F 13 0.38 12.32 -3.05
C PRO F 13 1.25 13.53 -3.38
N SER F 14 0.96 14.16 -4.50
CA SER F 14 1.75 15.31 -4.94
C SER F 14 1.51 16.51 -4.03
N SER F 15 0.26 16.71 -3.61
CA SER F 15 -0.12 17.82 -2.75
C SER F 15 -0.74 17.26 -1.49
N VAL F 16 -0.77 18.10 -0.44
CA VAL F 16 -1.38 17.69 0.81
C VAL F 16 -2.85 17.37 0.62
N HIS F 17 -3.47 17.88 -0.44
CA HIS F 17 -4.88 17.60 -0.69
C HIS F 17 -5.08 16.17 -1.19
N ASP F 18 -4.14 15.67 -2.01
CA ASP F 18 -4.21 14.29 -2.44
C ASP F 18 -4.05 13.34 -1.25
N LEU F 19 -3.20 13.70 -0.28
CA LEU F 19 -3.02 12.86 0.89
C LEU F 19 -4.29 12.77 1.73
N VAL F 20 -4.98 13.90 1.91
CA VAL F 20 -6.17 13.92 2.76
C VAL F 20 -7.25 13.02 2.17
N SER F 21 -7.59 13.23 0.90
CA SER F 21 -8.64 12.42 0.28
C SER F 21 -8.21 10.97 0.12
N CYS F 22 -6.94 10.73 -0.23
CA CYS F 22 -6.50 9.37 -0.56
C CYS F 22 -6.27 8.52 0.68
N TRP F 23 -5.55 9.04 1.68
CA TRP F 23 -5.14 8.25 2.82
C TRP F 23 -5.98 8.50 4.08
N GLY F 24 -6.84 9.50 4.07
CA GLY F 24 -7.66 9.81 5.24
C GLY F 24 -9.13 9.56 5.00
N THR F 33 -19.66 13.91 16.22
CA THR F 33 -19.40 15.12 15.44
C THR F 33 -18.20 15.88 16.00
N ASP F 34 -17.80 16.94 15.30
CA ASP F 34 -16.65 17.74 15.71
C ASP F 34 -16.74 18.09 17.19
N SER F 35 -15.62 17.95 17.90
CA SER F 35 -15.60 18.03 19.35
C SER F 35 -14.70 19.16 19.86
N GLY F 36 -14.25 20.07 19.01
CA GLY F 36 -13.56 21.24 19.49
C GLY F 36 -14.48 22.14 20.30
N LEU F 37 -13.90 23.21 20.84
CA LEU F 37 -14.68 24.26 21.50
C LEU F 37 -14.63 25.59 20.78
N GLU F 38 -13.53 25.91 20.11
CA GLU F 38 -13.40 27.18 19.42
C GLU F 38 -12.24 27.10 18.44
N LYS F 39 -12.39 27.81 17.32
CA LYS F 39 -11.34 27.91 16.32
C LYS F 39 -10.92 29.37 16.17
N ARG F 40 -9.63 29.59 15.92
CA ARG F 40 -9.06 30.92 15.84
C ARG F 40 -8.16 31.01 14.61
N PHE F 41 -8.29 32.09 13.85
CA PHE F 41 -7.50 32.32 12.65
C PHE F 41 -6.95 33.75 12.71
N GLU F 42 -5.63 33.89 12.65
CA GLU F 42 -4.98 35.18 12.75
C GLU F 42 -4.02 35.39 11.59
N LEU F 43 -3.99 36.60 11.08
CA LEU F 43 -3.03 37.04 10.07
C LEU F 43 -2.29 38.27 10.58
N ASN F 44 -0.99 38.32 10.35
CA ASN F 44 -0.22 39.53 10.57
C ASN F 44 0.42 39.96 9.26
N PHE F 45 0.98 41.16 9.26
CA PHE F 45 1.44 41.81 8.04
C PHE F 45 2.87 42.31 8.23
N ALA F 46 3.55 42.55 7.09
CA ALA F 46 4.87 43.14 7.14
C ALA F 46 4.82 44.63 7.43
N GLN F 47 3.77 45.33 6.96
CA GLN F 47 3.58 46.73 7.24
C GLN F 47 2.17 46.98 7.74
N PRO F 48 2.01 47.83 8.75
CA PRO F 48 0.66 48.17 9.23
C PRO F 48 -0.28 48.54 8.08
N VAL F 49 -1.54 48.14 8.21
CA VAL F 49 -2.55 48.35 7.18
C VAL F 49 -3.48 49.47 7.59
N ASP F 50 -3.85 50.30 6.62
CA ASP F 50 -4.87 51.32 6.83
C ASP F 50 -6.20 50.67 7.18
N ILE F 51 -6.86 51.19 8.21
CA ILE F 51 -8.04 50.51 8.75
C ILE F 51 -9.19 50.54 7.75
N GLY F 52 -9.31 51.62 6.98
CA GLY F 52 -10.38 51.71 6.01
C GLY F 52 -10.11 51.05 4.67
N THR F 53 -8.85 50.68 4.41
CA THR F 53 -8.52 50.08 3.12
C THR F 53 -9.32 48.81 2.87
N VAL F 54 -9.45 47.96 3.89
CA VAL F 54 -10.20 46.71 3.77
C VAL F 54 -11.61 46.97 4.26
N THR F 55 -12.56 46.96 3.33
CA THR F 55 -13.93 47.30 3.65
C THR F 55 -14.60 46.18 4.46
N VAL F 56 -15.73 46.51 5.09
CA VAL F 56 -16.51 45.48 5.76
C VAL F 56 -17.12 44.53 4.74
N LYS F 57 -17.54 45.07 3.59
CA LYS F 57 -18.11 44.23 2.54
C LYS F 57 -17.14 43.13 2.12
N GLN F 58 -15.86 43.48 2.00
CA GLN F 58 -14.87 42.50 1.53
C GLN F 58 -14.59 41.44 2.58
N LEU F 59 -14.43 41.86 3.84
CA LEU F 59 -14.29 40.89 4.92
C LEU F 59 -15.55 40.05 5.07
N ALA F 60 -16.72 40.69 4.93
CA ALA F 60 -17.98 39.96 5.02
C ALA F 60 -18.05 38.86 3.96
N SER F 61 -17.77 39.21 2.70
CA SER F 61 -17.85 38.23 1.61
C SER F 61 -16.81 37.13 1.77
N VAL F 62 -15.73 37.38 2.52
CA VAL F 62 -14.73 36.34 2.73
C VAL F 62 -15.22 35.33 3.77
N MET F 63 -16.05 35.77 4.72
CA MET F 63 -16.61 34.84 5.69
C MET F 63 -17.82 34.08 5.16
N GLU F 64 -18.50 34.62 4.13
CA GLU F 64 -19.54 33.84 3.47
C GLU F 64 -18.98 32.54 2.91
N ARG F 65 -17.71 32.54 2.50
CA ARG F 65 -17.08 31.32 2.02
C ARG F 65 -17.05 30.25 3.11
N ALA F 66 -17.12 30.64 4.38
CA ALA F 66 -17.22 29.71 5.49
C ALA F 66 -18.62 29.70 6.10
N GLY F 67 -19.62 30.16 5.35
CA GLY F 67 -21.01 30.02 5.76
C GLY F 67 -21.45 30.94 6.88
N GLU F 68 -20.92 32.15 6.93
CA GLU F 68 -21.25 33.12 7.97
C GLU F 68 -21.81 34.38 7.35
N SER F 69 -22.90 34.88 7.90
CA SER F 69 -23.55 36.09 7.43
C SER F 69 -23.34 37.21 8.45
N LEU F 70 -22.84 38.34 7.99
CA LEU F 70 -22.62 39.48 8.86
C LEU F 70 -23.93 39.92 9.51
N ARG F 71 -23.90 40.16 10.82
CA ARG F 71 -25.07 40.57 11.57
C ARG F 71 -24.92 41.94 12.23
N GLN F 72 -23.72 42.26 12.71
CA GLN F 72 -23.45 43.55 13.33
C GLN F 72 -21.98 43.88 13.15
N ASN F 73 -21.68 45.17 13.05
CA ASN F 73 -20.29 45.61 12.99
C ASN F 73 -20.20 47.04 13.50
N SER F 74 -19.25 47.28 14.40
CA SER F 74 -18.97 48.61 14.91
C SER F 74 -17.57 49.04 14.48
N ALA F 75 -17.40 50.35 14.33
CA ALA F 75 -16.12 50.95 13.98
C ALA F 75 -15.64 51.79 15.16
N GLU F 76 -14.41 51.52 15.62
CA GLU F 76 -13.82 52.25 16.73
C GLU F 76 -12.40 52.63 16.36
N LEU F 77 -11.72 53.34 17.26
CA LEU F 77 -10.37 53.81 17.00
C LEU F 77 -9.41 52.65 16.76
N GLY F 78 -8.92 52.54 15.52
CA GLY F 78 -7.98 51.50 15.18
C GLY F 78 -8.55 50.10 15.22
N ILE F 79 -9.87 49.94 15.25
CA ILE F 79 -10.49 48.63 15.33
C ILE F 79 -11.73 48.61 14.45
N HIS F 80 -11.95 47.47 13.79
CA HIS F 80 -13.20 47.18 13.11
C HIS F 80 -13.68 45.82 13.62
N THR F 81 -14.90 45.80 14.15
CA THR F 81 -15.47 44.59 14.73
C THR F 81 -16.62 44.11 13.86
N LEU F 82 -16.56 42.84 13.46
CA LEU F 82 -17.61 42.22 12.67
C LEU F 82 -18.15 41.04 13.44
N LYS F 83 -19.44 41.08 13.78
CA LYS F 83 -20.10 40.01 14.51
C LYS F 83 -20.95 39.22 13.54
N PHE F 84 -20.68 37.92 13.46
CA PHE F 84 -21.48 36.99 12.67
C PHE F 84 -22.33 36.15 13.61
N ASP F 85 -23.07 35.20 13.03
CA ASP F 85 -23.86 34.29 13.84
C ASP F 85 -23.00 33.56 14.84
N ARG F 86 -21.92 32.93 14.37
CA ARG F 86 -21.11 32.04 15.20
C ARG F 86 -19.63 32.44 15.24
N SER F 87 -19.30 33.69 14.89
CA SER F 87 -17.90 34.10 14.88
C SER F 87 -17.80 35.60 15.14
N LEU F 88 -16.62 36.01 15.59
CA LEU F 88 -16.30 37.40 15.87
C LEU F 88 -14.99 37.75 15.19
N LEU F 89 -14.97 38.85 14.44
CA LEU F 89 -13.80 39.24 13.66
C LEU F 89 -13.35 40.63 14.09
N VAL F 90 -12.14 40.71 14.63
CA VAL F 90 -11.49 41.98 14.94
C VAL F 90 -10.51 42.30 13.82
N PHE F 91 -10.44 43.57 13.42
CA PHE F 91 -9.54 44.01 12.36
C PHE F 91 -8.84 45.28 12.83
N THR F 92 -7.53 45.19 13.03
CA THR F 92 -6.70 46.32 13.42
C THR F 92 -5.65 46.56 12.34
N ALA F 93 -4.82 47.58 12.56
CA ALA F 93 -3.76 47.90 11.61
C ALA F 93 -2.68 46.83 11.61
N LYS F 94 -2.64 45.98 12.62
CA LYS F 94 -1.60 44.96 12.75
C LYS F 94 -2.07 43.55 12.42
N GLN F 95 -3.36 43.25 12.59
CA GLN F 95 -3.78 41.86 12.58
C GLN F 95 -5.26 41.74 12.26
N ILE F 96 -5.62 40.68 11.54
CA ILE F 96 -7.00 40.21 11.44
C ILE F 96 -7.11 38.97 12.30
N VAL F 97 -8.01 39.00 13.29
CA VAL F 97 -8.21 37.88 14.21
C VAL F 97 -9.69 37.55 14.22
N VAL F 98 -10.03 36.33 13.83
CA VAL F 98 -11.41 35.87 13.80
C VAL F 98 -11.51 34.59 14.63
N ARG F 99 -12.39 34.60 15.62
CA ARG F 99 -12.67 33.45 16.46
C ARG F 99 -14.09 32.96 16.19
N SER F 100 -14.26 31.64 16.12
CA SER F 100 -15.54 31.09 15.74
C SER F 100 -15.79 29.78 16.47
N SER F 101 -17.05 29.36 16.48
CA SER F 101 -17.43 28.07 16.99
C SER F 101 -17.05 26.97 16.00
N VAL F 102 -17.12 25.72 16.47
CA VAL F 102 -16.59 24.62 15.68
C VAL F 102 -17.51 24.22 14.53
N SER F 103 -18.80 24.52 14.61
CA SER F 103 -19.67 24.28 13.46
C SER F 103 -19.28 25.15 12.27
N VAL F 104 -18.41 26.13 12.47
CA VAL F 104 -17.93 26.99 11.40
C VAL F 104 -16.66 26.38 10.81
N MET F 105 -16.71 26.07 9.52
CA MET F 105 -15.53 25.56 8.81
C MET F 105 -14.64 26.76 8.49
N LEU F 106 -13.89 27.19 9.51
CA LEU F 106 -13.09 28.40 9.35
C LEU F 106 -11.97 28.21 8.35
N HIS F 107 -11.49 26.97 8.17
CA HIS F 107 -10.45 26.72 7.17
C HIS F 107 -10.92 27.04 5.76
N GLU F 108 -12.24 27.04 5.52
CA GLU F 108 -12.77 27.43 4.23
C GLU F 108 -12.63 28.92 3.95
N ALA F 109 -12.21 29.70 4.95
CA ALA F 109 -11.98 31.13 4.77
C ALA F 109 -10.50 31.50 4.69
N VAL F 110 -9.60 30.54 4.92
CA VAL F 110 -8.18 30.85 4.93
C VAL F 110 -7.73 31.41 3.59
N HIS F 111 -7.93 30.64 2.51
CA HIS F 111 -7.48 31.07 1.19
C HIS F 111 -8.20 32.34 0.73
N PRO F 112 -9.54 32.42 0.79
CA PRO F 112 -10.19 33.67 0.38
C PRO F 112 -9.66 34.89 1.12
N MET F 113 -9.40 34.75 2.42
CA MET F 113 -8.83 35.86 3.19
C MET F 113 -7.47 36.25 2.62
N LEU F 114 -6.63 35.25 2.28
CA LEU F 114 -5.32 35.56 1.72
C LEU F 114 -5.44 36.29 0.38
N GLU F 115 -6.37 35.85 -0.48
CA GLU F 115 -6.56 36.53 -1.75
C GLU F 115 -6.97 37.98 -1.54
N LEU F 116 -7.89 38.22 -0.60
CA LEU F 116 -8.27 39.58 -0.28
C LEU F 116 -7.05 40.43 0.08
N MET F 117 -6.15 39.87 0.88
CA MET F 117 -4.91 40.57 1.22
C MET F 117 -4.10 40.87 -0.04
N ARG F 118 -3.96 39.89 -0.92
CA ARG F 118 -3.16 40.08 -2.13
C ARG F 118 -3.74 41.16 -3.02
N SER F 119 -5.06 41.15 -3.22
CA SER F 119 -5.69 42.17 -4.05
C SER F 119 -5.35 43.57 -3.56
N HIS F 120 -5.15 43.73 -2.25
CA HIS F 120 -4.80 45.00 -1.64
C HIS F 120 -3.29 45.16 -1.45
N ASN F 121 -2.48 44.33 -2.12
CA ASN F 121 -1.02 44.41 -2.00
C ASN F 121 -0.55 44.33 -0.55
N ILE F 122 -1.34 43.66 0.29
CA ILE F 122 -0.99 43.44 1.69
C ILE F 122 -0.27 42.11 1.79
N ILE F 123 0.94 42.13 2.36
CA ILE F 123 1.76 40.94 2.50
C ILE F 123 1.52 40.35 3.89
N VAL F 124 1.03 39.13 3.93
CA VAL F 124 0.91 38.37 5.17
C VAL F 124 2.24 37.69 5.45
N ASP F 125 2.90 38.08 6.54
CA ASP F 125 4.19 37.48 6.91
C ASP F 125 4.11 36.60 8.15
N TRP F 126 2.96 36.53 8.81
CA TRP F 126 2.79 35.64 9.95
C TRP F 126 1.31 35.29 10.05
N ALA F 127 1.04 34.05 10.42
CA ALA F 127 -0.34 33.58 10.47
C ALA F 127 -0.43 32.38 11.40
N SER F 128 -1.62 32.18 11.96
CA SER F 128 -1.85 31.05 12.85
C SER F 128 -3.27 30.55 12.69
N PHE F 129 -3.44 29.25 12.89
CA PHE F 129 -4.76 28.65 13.02
C PHE F 129 -4.74 27.78 14.26
N MET F 130 -5.64 28.05 15.19
CA MET F 130 -5.66 27.42 16.50
C MET F 130 -7.04 26.87 16.79
N ARG F 131 -7.10 25.68 17.38
CA ARG F 131 -8.35 25.12 17.87
C ARG F 131 -8.11 24.49 19.23
N VAL F 132 -9.00 24.79 20.17
CA VAL F 132 -8.94 24.24 21.53
C VAL F 132 -9.87 23.05 21.59
N ASN F 133 -9.35 21.91 22.04
CA ASN F 133 -10.10 20.66 22.04
C ASN F 133 -10.33 20.18 23.46
N TYR F 134 -11.59 19.91 23.81
CA TYR F 134 -11.88 19.14 25.01
C TYR F 134 -11.51 17.67 24.81
N GLY F 135 -11.81 17.14 23.63
CA GLY F 135 -11.63 15.73 23.34
C GLY F 135 -10.30 15.45 22.66
N SER F 136 -10.20 14.22 22.15
CA SER F 136 -9.02 13.77 21.45
C SER F 136 -9.38 13.44 20.00
N PRO F 137 -8.55 13.84 19.03
CA PRO F 137 -8.88 13.54 17.63
C PRO F 137 -9.01 12.06 17.35
N TRP F 138 -8.22 11.22 18.02
CA TRP F 138 -8.18 9.79 17.77
C TRP F 138 -9.48 9.08 18.16
N ASP F 139 -10.44 9.80 18.73
CA ASP F 139 -11.79 9.26 18.92
C ASP F 139 -12.46 9.16 17.56
N MET F 140 -12.58 7.94 17.04
CA MET F 140 -13.07 7.73 15.69
C MET F 140 -14.60 7.72 15.60
N THR F 141 -15.30 7.90 16.71
CA THR F 141 -16.73 8.15 16.67
C THR F 141 -17.04 9.62 16.43
N SER F 142 -16.03 10.45 16.23
CA SER F 142 -16.19 11.88 16.02
C SER F 142 -15.50 12.28 14.72
N GLU F 143 -16.05 13.31 14.09
CA GLU F 143 -15.47 13.85 12.85
C GLU F 143 -14.32 14.82 13.11
N THR F 144 -13.81 14.89 14.34
CA THR F 144 -12.75 15.84 14.65
C THR F 144 -11.55 15.64 13.73
N SER F 145 -11.19 14.39 13.46
CA SER F 145 -9.97 14.12 12.72
C SER F 145 -10.09 14.57 11.27
N ASP F 146 -11.19 14.21 10.61
CA ASP F 146 -11.36 14.61 9.21
C ASP F 146 -11.37 16.13 9.07
N ILE F 147 -12.01 16.82 10.01
CA ILE F 147 -11.99 18.28 9.97
C ILE F 147 -10.56 18.80 10.08
N MET F 148 -9.79 18.22 11.01
CA MET F 148 -8.42 18.67 11.20
C MET F 148 -7.54 18.33 10.01
N ALA F 149 -7.88 17.27 9.28
CA ALA F 149 -7.15 16.96 8.05
C ALA F 149 -7.47 17.98 6.96
N HIS F 150 -8.73 18.41 6.88
CA HIS F 150 -9.10 19.45 5.93
C HIS F 150 -8.46 20.79 6.31
N GLU F 151 -8.56 21.16 7.60
CA GLU F 151 -7.87 22.35 8.07
C GLU F 151 -6.40 22.32 7.68
N TYR F 152 -5.73 21.20 7.93
CA TYR F 152 -4.31 21.10 7.59
C TYR F 152 -4.08 21.23 6.10
N ALA F 153 -5.04 20.78 5.28
CA ALA F 153 -4.90 20.89 3.83
C ALA F 153 -4.91 22.35 3.39
N GLU F 154 -5.90 23.11 3.84
CA GLU F 154 -6.00 24.51 3.45
C GLU F 154 -4.80 25.31 3.97
N LEU F 155 -4.29 24.96 5.15
CA LEU F 155 -3.19 25.72 5.76
C LEU F 155 -1.85 25.36 5.12
N LYS F 156 -1.53 24.06 5.07
CA LYS F 156 -0.27 23.66 4.45
C LYS F 156 -0.26 23.94 2.96
N SER F 157 -1.44 23.99 2.33
CA SER F 157 -1.52 24.41 0.94
C SER F 157 -1.18 25.88 0.78
N ALA F 158 -1.66 26.71 1.72
CA ALA F 158 -1.42 28.15 1.68
C ALA F 158 -0.06 28.52 2.27
N PHE F 159 0.41 27.76 3.25
CA PHE F 159 1.68 28.05 3.93
C PHE F 159 2.52 26.78 3.96
N PRO F 160 3.06 26.37 2.81
CA PRO F 160 3.98 25.21 2.81
C PRO F 160 5.04 25.30 3.88
N THR F 161 5.50 26.52 4.21
CA THR F 161 6.48 26.70 5.26
C THR F 161 5.87 26.64 6.66
N GLY F 162 4.55 26.78 6.77
CA GLY F 162 3.90 26.66 8.06
C GLY F 162 4.08 25.27 8.64
N HIS F 163 3.63 25.12 9.89
CA HIS F 163 3.79 23.86 10.60
C HIS F 163 2.69 23.73 11.64
N PRO F 164 2.28 22.49 11.98
CA PRO F 164 1.31 22.32 13.06
C PRO F 164 1.99 21.84 14.34
N TYR F 165 1.49 22.32 15.46
CA TYR F 165 1.98 21.90 16.76
C TYR F 165 0.78 21.52 17.62
N LEU F 166 1.02 20.68 18.62
CA LEU F 166 -0.02 20.26 19.56
C LEU F 166 0.51 20.46 20.97
N ALA F 167 -0.10 21.39 21.70
CA ALA F 167 0.31 21.74 23.06
C ALA F 167 -0.64 21.09 24.06
N GLY F 168 -0.10 20.24 24.93
CA GLY F 168 -0.89 19.60 25.96
C GLY F 168 -1.11 18.13 25.67
N PRO F 169 -1.74 17.42 26.60
CA PRO F 169 -2.05 16.01 26.35
C PRO F 169 -3.07 15.88 25.23
N VAL F 170 -2.83 14.92 24.34
CA VAL F 170 -3.75 14.73 23.24
C VAL F 170 -5.10 14.24 23.75
N ASP F 171 -5.09 13.47 24.84
CA ASP F 171 -6.31 12.91 25.41
C ASP F 171 -7.00 13.86 26.39
N ARG F 172 -6.47 15.06 26.57
CA ARG F 172 -7.01 16.00 27.53
C ARG F 172 -7.13 17.37 26.89
N ASP F 173 -7.50 18.38 27.67
CA ASP F 173 -7.55 19.74 27.14
C ASP F 173 -6.22 20.09 26.52
N HIS F 174 -6.25 20.54 25.27
CA HIS F 174 -5.02 20.84 24.56
C HIS F 174 -5.33 21.79 23.42
N CYS F 175 -4.27 22.32 22.83
CA CYS F 175 -4.36 23.21 21.69
C CYS F 175 -3.64 22.57 20.51
N PHE F 176 -4.33 22.48 19.39
CA PHE F 176 -3.71 22.16 18.11
C PHE F 176 -3.69 23.45 17.31
N TYR F 177 -2.50 24.01 17.11
CA TYR F 177 -2.37 25.21 16.30
C TYR F 177 -1.33 25.02 15.21
N PHE F 178 -1.52 25.76 14.12
CA PHE F 178 -0.64 25.77 12.96
C PHE F 178 -0.08 27.17 12.82
N VAL F 179 1.23 27.27 12.62
CA VAL F 179 1.91 28.57 12.59
C VAL F 179 2.74 28.66 11.33
N TYR F 180 2.48 29.69 10.53
CA TYR F 180 3.38 30.13 9.47
C TYR F 180 4.17 31.34 9.96
N ASP F 181 5.49 31.29 9.82
CA ASP F 181 6.36 32.38 10.23
C ASP F 181 7.21 32.79 9.04
N GLY F 182 6.85 33.90 8.40
CA GLY F 182 7.61 34.42 7.28
C GLY F 182 8.14 35.82 7.56
N ILE F 183 8.36 36.13 8.84
CA ILE F 183 8.80 37.45 9.23
C ILE F 183 10.22 37.70 8.73
N ASP F 184 10.45 38.88 8.16
CA ASP F 184 11.78 39.28 7.71
C ASP F 184 12.56 39.87 8.87
N ARG F 185 13.64 39.19 9.25
CA ARG F 185 14.42 39.55 10.43
C ARG F 185 15.82 40.03 10.08
N ASP F 186 16.06 40.42 8.83
CA ASP F 186 17.33 41.03 8.48
C ASP F 186 17.60 42.20 9.42
N PRO F 187 18.83 42.39 9.90
CA PRO F 187 19.08 43.48 10.86
C PRO F 187 18.52 44.82 10.41
N SER F 188 18.50 45.08 9.11
CA SER F 188 18.00 46.33 8.57
C SER F 188 16.48 46.37 8.46
N SER F 189 15.79 45.35 8.97
CA SER F 189 14.34 45.31 8.88
C SER F 189 13.71 46.10 10.02
N CYS F 190 12.54 46.68 9.74
CA CYS F 190 11.81 47.50 10.69
C CYS F 190 10.61 46.77 11.28
N ARG F 191 10.46 45.49 10.99
CA ARG F 191 9.35 44.69 11.50
C ARG F 191 9.67 44.24 12.92
N ARG F 192 8.89 44.71 13.89
CA ARG F 192 9.16 44.42 15.29
C ARG F 192 8.03 43.57 15.89
N GLU F 193 8.38 42.84 16.95
CA GLU F 193 7.51 41.82 17.54
C GLU F 193 7.39 42.06 19.04
N ASN F 194 6.62 43.07 19.42
CA ASN F 194 6.27 43.32 20.81
C ASN F 194 4.83 42.92 21.10
N ASP F 195 4.27 42.04 20.26
CA ASP F 195 2.86 41.68 20.39
C ASP F 195 2.57 41.04 21.75
N VAL F 196 1.35 41.25 22.22
CA VAL F 196 0.84 40.68 23.46
C VAL F 196 -0.40 39.88 23.12
N GLN F 197 -0.42 38.61 23.54
CA GLN F 197 -1.61 37.79 23.34
C GLN F 197 -1.85 36.99 24.60
N ILE F 198 -3.06 37.08 25.13
CA ILE F 198 -3.46 36.34 26.33
C ILE F 198 -4.84 35.78 26.08
N ASN F 199 -4.97 34.45 26.13
CA ASN F 199 -6.23 33.76 25.91
C ASN F 199 -6.56 32.96 27.16
N VAL F 200 -7.81 33.08 27.61
CA VAL F 200 -8.31 32.37 28.78
C VAL F 200 -9.54 31.59 28.35
N TYR F 201 -9.43 30.26 28.31
CA TYR F 201 -10.56 29.40 27.97
C TYR F 201 -11.10 28.75 29.24
N MET F 202 -12.42 28.75 29.38
CA MET F 202 -13.07 28.32 30.61
C MET F 202 -14.16 27.31 30.28
N TYR F 203 -13.95 26.06 30.70
CA TYR F 203 -14.85 24.95 30.41
C TYR F 203 -15.91 24.83 31.50
N ASN F 204 -17.15 24.56 31.08
CA ASN F 204 -18.24 24.26 31.99
C ASN F 204 -18.43 25.38 33.02
N VAL F 205 -18.62 26.59 32.50
CA VAL F 205 -18.88 27.75 33.36
C VAL F 205 -20.22 27.59 34.03
N GLN F 206 -20.34 28.15 35.23
CA GLN F 206 -21.60 28.12 35.98
C GLN F 206 -22.38 29.42 35.81
N GLU F 219 -25.47 33.45 26.33
CA GLU F 219 -24.68 33.30 25.11
C GLU F 219 -24.44 34.65 24.44
N GLN F 220 -23.18 35.02 24.21
CA GLN F 220 -22.91 36.35 23.68
C GLN F 220 -21.49 36.42 23.14
N GLN F 221 -21.28 37.44 22.30
CA GLN F 221 -19.98 37.78 21.73
C GLN F 221 -19.76 39.27 21.94
N LEU F 222 -18.62 39.63 22.52
CA LEU F 222 -18.39 41.02 22.92
C LEU F 222 -16.95 41.44 22.64
N LEU F 223 -16.81 42.72 22.34
CA LEU F 223 -15.52 43.39 22.27
C LEU F 223 -15.57 44.60 23.19
N VAL F 224 -14.51 44.80 23.97
CA VAL F 224 -14.36 45.98 24.80
C VAL F 224 -13.01 46.60 24.50
N SER F 225 -13.02 47.87 24.09
CA SER F 225 -11.79 48.57 23.73
C SER F 225 -11.55 49.71 24.70
N HIS F 226 -10.37 49.71 25.32
CA HIS F 226 -9.93 50.73 26.25
C HIS F 226 -8.90 51.68 25.63
N CYS F 227 -8.26 51.26 24.54
CA CYS F 227 -7.20 52.01 23.89
C CYS F 227 -7.28 51.72 22.40
N ALA F 228 -6.62 52.57 21.61
CA ALA F 228 -6.68 52.42 20.16
C ALA F 228 -5.85 51.24 19.71
N GLY F 229 -6.45 50.36 18.91
CA GLY F 229 -5.79 49.17 18.43
C GLY F 229 -5.70 48.04 19.44
N GLU F 230 -6.23 48.22 20.64
CA GLU F 230 -6.20 47.21 21.68
C GLU F 230 -7.62 46.90 22.14
N TYR F 231 -7.85 45.63 22.50
CA TYR F 231 -9.21 45.15 22.71
C TYR F 231 -9.21 44.00 23.71
N GLU F 232 -10.40 43.73 24.25
CA GLU F 232 -10.68 42.51 25.01
C GLU F 232 -11.96 41.93 24.44
N THR F 233 -11.86 40.74 23.84
CA THR F 233 -13.03 40.07 23.30
C THR F 233 -13.44 38.94 24.23
N LEU F 234 -14.75 38.77 24.39
CA LEU F 234 -15.32 37.69 25.19
C LEU F 234 -16.37 36.98 24.38
N ARG F 235 -16.25 35.67 24.27
CA ARG F 235 -17.25 34.83 23.62
C ARG F 235 -17.82 33.85 24.64
N VAL F 236 -19.14 33.76 24.69
CA VAL F 236 -19.84 32.82 25.54
C VAL F 236 -20.84 32.08 24.67
N SER F 237 -20.71 30.76 24.62
CA SER F 237 -21.64 29.95 23.83
C SER F 237 -21.61 28.52 24.37
N THR F 238 -22.54 27.72 23.87
CA THR F 238 -22.66 26.33 24.29
C THR F 238 -21.34 25.58 24.11
N HIS F 243 -22.79 21.53 27.24
CA HIS F 243 -21.63 22.05 27.94
C HIS F 243 -21.40 23.53 27.63
N PRO F 244 -21.50 24.41 28.62
CA PRO F 244 -21.22 25.83 28.40
C PRO F 244 -19.76 26.19 28.66
N PHE F 245 -19.28 27.18 27.91
CA PHE F 245 -17.91 27.64 28.05
C PHE F 245 -17.83 29.11 27.63
N ALA F 246 -16.78 29.78 28.11
CA ALA F 246 -16.54 31.18 27.81
C ALA F 246 -15.08 31.36 27.39
N SER F 247 -14.87 32.20 26.37
CA SER F 247 -13.58 32.37 25.73
C SER F 247 -13.17 33.83 25.77
N PHE F 248 -12.06 34.12 26.45
CA PHE F 248 -11.56 35.48 26.63
C PHE F 248 -10.23 35.64 25.89
N GLU F 249 -10.01 36.83 25.34
CA GLU F 249 -8.77 37.14 24.64
C GLU F 249 -8.47 38.63 24.80
N THR F 250 -7.20 38.98 24.89
CA THR F 250 -6.79 40.37 24.91
C THR F 250 -5.39 40.52 24.35
N ASN F 251 -5.11 41.72 23.81
CA ASN F 251 -3.81 42.06 23.26
C ASN F 251 -3.29 43.37 23.82
N ALA F 252 -3.76 43.76 25.00
CA ALA F 252 -3.38 45.03 25.60
C ALA F 252 -2.06 44.89 26.37
N VAL F 253 -1.14 45.81 26.13
CA VAL F 253 0.15 45.80 26.83
C VAL F 253 -0.06 45.83 28.34
N SER F 254 -1.10 46.53 28.80
CA SER F 254 -1.40 46.57 30.22
C SER F 254 -1.72 45.18 30.75
N ALA F 255 -2.44 44.37 29.96
CA ALA F 255 -2.84 43.04 30.41
C ALA F 255 -1.62 42.18 30.71
N ALA F 256 -0.55 42.31 29.91
CA ALA F 256 0.65 41.52 30.15
C ALA F 256 1.21 41.77 31.54
N SER F 257 1.06 42.99 32.06
CA SER F 257 1.63 43.34 33.36
C SER F 257 0.96 42.56 34.49
N ASP F 258 -0.36 42.42 34.45
CA ASP F 258 -1.12 41.80 35.55
C ASP F 258 -2.01 40.67 35.00
N ILE F 259 -1.38 39.62 34.49
CA ILE F 259 -2.16 38.46 34.06
C ILE F 259 -2.85 37.81 35.26
N THR F 260 -2.17 37.76 36.40
CA THR F 260 -2.74 37.12 37.58
C THR F 260 -4.03 37.79 38.00
N LYS F 261 -4.11 39.12 37.84
CA LYS F 261 -5.31 39.83 38.28
C LYS F 261 -6.50 39.51 37.39
N ILE F 262 -6.28 39.44 36.08
CA ILE F 262 -7.41 39.37 35.15
C ILE F 262 -7.98 37.95 35.10
N VAL F 263 -7.14 36.93 35.20
CA VAL F 263 -7.65 35.55 35.18
C VAL F 263 -8.48 35.29 36.44
N ASN F 264 -7.96 35.68 37.60
CA ASN F 264 -8.71 35.52 38.84
C ASN F 264 -10.09 36.15 38.72
N GLY F 265 -10.15 37.41 38.28
CA GLY F 265 -11.42 38.06 38.07
C GLY F 265 -12.31 37.32 37.09
N LEU F 266 -11.70 36.60 36.15
CA LEU F 266 -12.50 35.82 35.20
C LEU F 266 -13.05 34.56 35.85
N LEU F 267 -12.24 33.87 36.65
CA LEU F 267 -12.68 32.62 37.27
C LEU F 267 -13.81 32.87 38.26
N LYS F 268 -13.82 34.02 38.93
CA LYS F 268 -14.88 34.29 39.90
C LYS F 268 -16.21 34.53 39.19
N LYS F 269 -16.21 35.36 38.14
CA LYS F 269 -17.46 35.64 37.42
C LYS F 269 -18.02 34.40 36.77
N PHE F 270 -17.17 33.45 36.40
CA PHE F 270 -17.59 32.26 35.66
C PHE F 270 -17.52 30.98 36.48
N TYR F 271 -16.45 30.80 37.27
CA TYR F 271 -16.31 29.61 38.12
C TYR F 271 -16.42 28.35 37.27
N PRO F 272 -15.43 28.08 36.42
CA PRO F 272 -15.47 26.88 35.59
C PRO F 272 -14.84 25.68 36.29
N GLU F 273 -14.97 24.52 35.64
CA GLU F 273 -14.33 23.32 36.15
C GLU F 273 -12.87 23.25 35.74
N ARG F 274 -12.58 23.49 34.46
CA ARG F 274 -11.22 23.44 33.93
C ARG F 274 -10.91 24.74 33.21
N VAL F 275 -9.63 25.07 33.15
CA VAL F 275 -9.16 26.30 32.54
C VAL F 275 -7.95 26.00 31.67
N LEU F 276 -7.84 26.74 30.57
CA LEU F 276 -6.68 26.66 29.67
C LEU F 276 -6.18 28.07 29.43
N LEU F 277 -4.92 28.31 29.77
CA LEU F 277 -4.26 29.59 29.53
C LEU F 277 -3.26 29.47 28.39
N VAL F 278 -3.21 30.51 27.56
CA VAL F 278 -2.19 30.64 26.52
C VAL F 278 -1.61 32.04 26.65
N LEU F 279 -0.29 32.11 26.89
CA LEU F 279 0.38 33.38 27.10
C LEU F 279 1.47 33.54 26.06
N LEU F 280 1.40 34.63 25.30
CA LEU F 280 2.38 34.94 24.28
C LEU F 280 3.50 35.78 24.88
N GLN F 281 4.72 35.29 24.78
CA GLN F 281 5.92 36.07 25.05
C GLN F 281 6.60 36.33 23.70
N ASP F 282 6.51 37.55 23.21
CA ASP F 282 7.05 37.83 21.89
C ASP F 282 8.57 38.02 21.95
N ARG F 283 9.18 38.04 20.77
CA ARG F 283 10.64 38.10 20.68
C ARG F 283 11.18 39.40 21.27
N ASP F 284 10.71 40.55 20.76
CA ASP F 284 11.19 41.83 21.25
C ASP F 284 10.94 42.04 22.74
N ALA F 285 10.16 41.17 23.38
CA ALA F 285 9.95 41.27 24.82
C ALA F 285 9.50 39.94 25.38
N MET F 294 1.01 32.58 36.45
CA MET F 294 0.59 31.37 35.77
C MET F 294 1.23 30.13 36.39
N ASP F 295 1.73 30.27 37.63
CA ASP F 295 2.29 29.12 38.33
C ASP F 295 1.28 28.44 39.24
N ARG F 296 0.21 29.13 39.62
CA ARG F 296 -0.84 28.57 40.45
C ARG F 296 -2.08 29.45 40.31
N LEU F 297 -3.25 28.81 40.35
CA LEU F 297 -4.51 29.52 40.34
C LEU F 297 -5.36 29.07 41.52
N GLU F 298 -6.27 29.95 41.95
CA GLU F 298 -6.99 29.76 43.20
C GLU F 298 -8.01 28.64 43.06
N GLY F 299 -7.90 27.63 43.92
CA GLY F 299 -8.80 26.49 43.86
C GLY F 299 -8.60 25.60 42.66
N PHE F 300 -7.47 25.74 41.98
CA PHE F 300 -7.20 25.02 40.75
C PHE F 300 -5.83 24.35 40.84
N THR F 301 -5.79 23.06 40.55
CA THR F 301 -4.54 22.31 40.46
C THR F 301 -4.09 22.25 39.00
N VAL F 302 -2.76 22.26 38.81
CA VAL F 302 -2.22 22.19 37.45
C VAL F 302 -2.39 20.78 36.91
N VAL F 303 -2.90 20.68 35.68
CA VAL F 303 -2.94 19.42 34.96
C VAL F 303 -1.73 19.27 34.05
N HIS F 304 -1.46 20.30 33.27
CA HIS F 304 -0.32 20.32 32.37
C HIS F 304 0.15 21.75 32.20
N ARG F 305 1.44 21.91 31.91
CA ARG F 305 1.97 23.19 31.49
C ARG F 305 3.17 22.95 30.61
N GLY F 306 3.51 23.95 29.81
CA GLY F 306 4.61 23.83 28.86
C GLY F 306 4.60 25.00 27.91
N ALA F 307 5.71 25.12 27.18
CA ALA F 307 5.91 26.23 26.26
C ALA F 307 6.40 25.71 24.91
N ASN F 308 6.16 26.51 23.88
CA ASN F 308 6.65 26.26 22.53
C ASN F 308 7.51 27.46 22.13
N HIS F 309 8.83 27.33 22.27
CA HIS F 309 9.74 28.34 21.75
C HIS F 309 9.90 28.14 20.26
N PHE F 310 9.45 29.11 19.48
CA PHE F 310 9.62 29.08 18.04
C PHE F 310 10.99 29.62 17.66
N GLY F 311 11.52 29.12 16.55
CA GLY F 311 12.82 29.58 16.07
C GLY F 311 12.90 31.09 16.03
N GLY F 312 11.79 31.75 15.70
CA GLY F 312 11.75 33.19 15.58
C GLY F 312 11.76 33.93 16.91
N GLY F 313 12.15 33.26 17.99
CA GLY F 313 12.40 33.90 19.26
C GLY F 313 11.20 34.02 20.18
N TYR F 314 9.99 33.96 19.64
CA TYR F 314 8.81 34.10 20.48
C TYR F 314 8.42 32.76 21.10
N VAL F 315 7.64 32.84 22.18
CA VAL F 315 7.24 31.67 22.95
C VAL F 315 5.73 31.68 23.12
N PHE F 316 5.11 30.51 23.03
CA PHE F 316 3.70 30.34 23.35
C PHE F 316 3.59 29.47 24.59
N HIS F 317 3.25 30.09 25.71
CA HIS F 317 3.13 29.40 26.99
C HIS F 317 1.71 28.90 27.18
N GLN F 318 1.57 27.70 27.73
CA GLN F 318 0.25 27.12 27.96
C GLN F 318 0.24 26.39 29.29
N ALA F 319 -0.94 26.39 29.92
CA ALA F 319 -1.19 25.65 31.15
C ALA F 319 -2.66 25.30 31.22
N THR F 320 -2.96 24.05 31.56
CA THR F 320 -4.32 23.58 31.78
C THR F 320 -4.50 23.27 33.25
N TYR F 321 -5.61 23.73 33.83
CA TYR F 321 -5.90 23.50 35.22
C TYR F 321 -7.25 22.81 35.36
N ALA F 322 -7.43 22.13 36.48
CA ALA F 322 -8.70 21.52 36.85
C ALA F 322 -9.02 21.90 38.29
N ARG F 323 -10.30 21.99 38.60
CA ARG F 323 -10.71 22.38 39.94
C ARG F 323 -10.41 21.28 40.94
N SER F 324 -10.13 21.69 42.18
CA SER F 324 -9.79 20.75 43.24
C SER F 324 -11.05 20.11 43.83
#